data_6VRB
#
_entry.id   6VRB
#
loop_
_entity.id
_entity.type
_entity.pdbx_description
1 polymer 'RNA (52-MER)'
2 polymer 'CRISPR-associated endoribonuclease Cas13a'
3 polymer AcrVIA1
#
loop_
_entity_poly.entity_id
_entity_poly.type
_entity_poly.pdbx_seq_one_letter_code
_entity_poly.pdbx_strand_id
1 'polyribonucleotide' GACUACCUCUAUAUGAAAGAGGACUAAAACCAUAUUUCCAAACUCCACUUUG B
2 'polypeptide(L)'
;TMRITKVEVDRKKVLISRDKNGGKLVYENEMQDNTEQIMHHKKSSFYKSVVNKTICRPEQKQMKKLVHGLLQENSQEKIK
VSDVTKLNISNFLNHRFKKSLYYFPENSPDKSEEYRIEINLSQLLEDSLKKQQGTFICWESFSKDMELYINWAENYISSK
TKLIKKSIRNNRIQSTESRSGQLMDRYMKDILNKNKPFDIQSVSEKYQLEKLTSALKATFKEAKKNDKEINYKLKSTLQN
HERQIIEELKENSELNQFNIEIRKHLETYFPIKKTNRKVGDIRNLEIGEIQKIVNHRLKNKIVQRILQEGKLASYEIEST
VNSNSLQKIKIEEAFALKFINACLFASNNLRNMVYPVCKKDILMIGEFKNSFKEIKHKKFIRQWSQFFSQEITVDDIELA
SWGLRGAIAPIRNEIIHLKKHSWKKFFNNPTFKVKKSKIINGKTKDVTSEFLYKETLFKDYFYSELDSVPELIINKMESS
KILDYYSSDQLNQVFTIPNFELSLLTSAVPFAPSFKRVYLKGFDYQNQDEAQPDYNLKLNIYNEKAFNSEAFQAQYSLFK
MVYYQVFLPQFTTNNDLFKSSVDFILTLNKERKGYAKAFQDIRKMNKDEKPSEYMSYIQSQLMLYQKKQEEKEKINHFEK
FINQVFIKGFNSFIEKNRLTYICHPTKNTVPENDNIEIPFHTDMDDSNIAFWLMCKLLDAKQLSELRNEMIKFSCSLQST
EEISTFTKAREVIGLALLNGEKGCNDWKELFDDKEAWKKNMSLYVSEELLQSLPYTQEDGQTPVINRSIDLVKKYGTETI
LEKLFSSSDDYKVSAKDIAKLHEYDVTEKIAQQESLHKQWIEKPGLARDSAWTKKYQNVINDISNYQWAKTKVELTQVRH
LHQLTIDLLSRLAGYMSIADRDFQFSSNYILERENSEYRVTSWILLSENKNKNKYNDYELYNLKNASIKVSSKNDPQLKV
DLKQLRLTLEYLELFDNRLKEKRNNISHFNYLNGQLGNSILELFDDARDVLSYDRKLKNAVSKSLKEILSSHGMEVTFKP
LYQTNHHLKIDKLQPKKIHHLGEKSTVSSNQVSNEYCQLVRTLLTMK
;
A
3 'polypeptide(L)'
;MIYYIKDLKVKGKIFENLMNKEAVEGLITFLKKAEFEIYSRENYSKYNKWFEMWKSPTSSLVFWKNYSFRCHLLFVIEKD
GECLGIPASVFESVLQIYLADPFAPDTKELFVEVCNLYECLADVTVVEHFEAEESAWHKLTHNETEVSKRVYSKDDDELL
KYIPEFLDTIATNKKSQKYNQIQGKIQEINKEIATLYESSEDYIFTEYVSNLYRESAKLEQHSKQILKE
;
C
#
# COMPACT_ATOMS: atom_id res chain seq x y z
N THR B 1 23.15 -10.90 11.01
CA THR B 1 23.50 -11.02 9.61
C THR B 1 22.59 -10.19 8.75
N MET B 2 21.33 -10.61 8.57
CA MET B 2 20.38 -9.85 7.78
C MET B 2 20.02 -8.54 8.44
N ARG B 3 19.67 -8.59 9.72
CA ARG B 3 19.24 -7.39 10.43
C ARG B 3 20.20 -7.14 11.57
N ILE B 4 21.08 -6.16 11.39
CA ILE B 4 21.86 -5.68 12.51
C ILE B 4 20.97 -4.89 13.46
N THR B 5 19.95 -4.23 12.92
CA THR B 5 19.15 -3.25 13.62
C THR B 5 17.70 -3.74 13.62
N LYS B 6 16.84 -3.10 14.43
CA LYS B 6 15.40 -3.37 14.52
C LYS B 6 15.15 -4.80 14.99
N VAL B 7 15.89 -5.19 16.02
CA VAL B 7 16.01 -6.58 16.48
C VAL B 7 16.23 -6.56 17.99
N GLU B 8 15.48 -7.41 18.70
CA GLU B 8 15.73 -7.63 20.12
C GLU B 8 17.06 -8.33 20.33
N VAL B 9 17.88 -7.82 21.25
CA VAL B 9 19.18 -8.42 21.53
C VAL B 9 19.34 -8.79 23.01
N ASP B 10 18.94 -7.93 23.93
CA ASP B 10 18.94 -8.24 25.36
C ASP B 10 17.57 -7.90 25.94
N ARG B 11 16.53 -8.37 25.25
CA ARG B 11 15.14 -7.89 25.38
C ARG B 11 15.07 -6.38 25.21
N LYS B 12 15.89 -5.85 24.31
CA LYS B 12 15.99 -4.43 24.02
C LYS B 12 16.18 -4.26 22.53
N LYS B 13 15.54 -3.25 21.96
CA LYS B 13 15.60 -3.00 20.54
C LYS B 13 16.92 -2.30 20.19
N VAL B 14 17.25 -2.29 18.91
CA VAL B 14 18.49 -1.69 18.43
C VAL B 14 18.14 -0.62 17.41
N LEU B 15 18.78 0.55 17.54
CA LEU B 15 18.67 1.66 16.60
C LEU B 15 20.08 2.06 16.18
N ILE B 16 20.19 2.77 15.08
CA ILE B 16 21.46 3.38 14.69
C ILE B 16 21.36 4.88 14.91
N SER B 17 22.43 5.47 15.45
CA SER B 17 22.46 6.89 15.80
C SER B 17 23.56 7.53 14.98
N ARG B 18 23.17 8.20 13.90
CA ARG B 18 24.17 8.80 13.05
C ARG B 18 24.54 10.19 13.56
N ASP B 19 25.76 10.59 13.23
CA ASP B 19 26.31 11.85 13.68
C ASP B 19 27.23 12.32 12.58
N LYS B 20 27.59 13.60 12.59
CA LYS B 20 28.54 14.08 11.61
C LYS B 20 29.94 13.52 11.84
N ASN B 21 30.24 13.10 13.06
CA ASN B 21 31.53 12.53 13.41
C ASN B 21 31.57 11.01 13.25
N GLY B 22 30.42 10.38 13.04
CA GLY B 22 30.41 8.95 12.81
C GLY B 22 29.09 8.26 13.08
N GLY B 23 29.07 6.94 12.93
CA GLY B 23 27.91 6.13 13.23
C GLY B 23 28.08 5.38 14.54
N LYS B 24 26.96 4.86 15.02
CA LYS B 24 26.84 4.42 16.40
C LYS B 24 25.63 3.51 16.51
N LEU B 25 25.81 2.36 17.15
CA LEU B 25 24.74 1.40 17.34
C LEU B 25 24.35 1.47 18.80
N VAL B 26 23.06 1.67 19.07
CA VAL B 26 22.59 2.11 20.37
C VAL B 26 21.27 1.38 20.66
N TYR B 27 20.84 1.37 21.91
CA TYR B 27 19.68 0.52 22.17
C TYR B 27 18.33 1.14 21.84
N GLU B 28 17.73 1.94 22.73
CA GLU B 28 16.45 2.49 22.32
C GLU B 28 16.24 3.92 22.80
N ASN B 29 16.65 4.17 24.03
CA ASN B 29 16.54 5.49 24.64
C ASN B 29 17.87 5.91 25.22
N GLU B 30 18.91 5.11 24.98
CA GLU B 30 20.23 5.34 25.52
C GLU B 30 21.04 6.14 24.49
N MET B 31 22.26 6.49 24.85
CA MET B 31 23.15 7.19 23.94
C MET B 31 24.54 6.59 23.84
N GLN B 32 24.82 5.49 24.52
CA GLN B 32 26.17 4.95 24.58
C GLN B 32 26.56 4.22 23.30
N ASP B 33 27.85 4.17 23.03
CA ASP B 33 28.36 3.22 22.06
C ASP B 33 28.16 1.81 22.61
N ASN B 34 27.18 1.11 22.08
CA ASN B 34 27.05 -0.31 22.34
C ASN B 34 27.34 -1.12 21.08
N THR B 35 28.05 -0.51 20.13
CA THR B 35 28.32 -1.16 18.86
C THR B 35 29.34 -2.27 18.96
N GLU B 36 30.01 -2.42 20.10
CA GLU B 36 30.88 -3.55 20.34
C GLU B 36 30.12 -4.76 20.85
N GLN B 37 29.26 -4.55 21.84
CA GLN B 37 28.61 -5.65 22.52
C GLN B 37 27.22 -5.97 21.99
N ILE B 38 26.59 -5.08 21.23
CA ILE B 38 25.45 -5.52 20.42
C ILE B 38 25.95 -6.44 19.31
N MET B 39 27.06 -6.06 18.68
CA MET B 39 27.60 -6.83 17.57
C MET B 39 28.21 -8.14 18.04
N HIS B 40 28.54 -8.26 19.33
CA HIS B 40 29.05 -9.51 19.87
C HIS B 40 27.93 -10.48 20.23
N HIS B 41 26.81 -9.98 20.76
CA HIS B 41 25.67 -10.85 20.98
C HIS B 41 24.99 -11.26 19.68
N LYS B 42 25.19 -10.50 18.62
CA LYS B 42 24.66 -10.85 17.29
C LYS B 42 25.71 -11.75 16.62
N LYS B 43 25.90 -12.92 17.20
CA LYS B 43 26.89 -13.86 16.70
C LYS B 43 26.39 -15.29 16.71
N SER B 44 25.33 -15.60 17.43
CA SER B 44 24.66 -16.88 17.31
C SER B 44 23.80 -16.96 16.06
N SER B 45 23.57 -15.83 15.40
CA SER B 45 22.90 -15.81 14.11
C SER B 45 23.86 -15.79 12.94
N PHE B 46 25.11 -15.39 13.15
CA PHE B 46 26.14 -15.67 12.15
C PHE B 46 26.41 -17.16 12.03
N TYR B 47 26.34 -17.90 13.14
CA TYR B 47 26.48 -19.35 13.05
C TYR B 47 25.32 -19.99 12.30
N LYS B 48 24.13 -19.46 12.49
CA LYS B 48 22.96 -20.00 11.81
C LYS B 48 22.95 -19.62 10.34
N SER B 49 23.64 -18.54 9.97
CA SER B 49 23.72 -18.13 8.58
C SER B 49 24.76 -18.93 7.81
N VAL B 50 25.85 -19.31 8.47
CA VAL B 50 26.91 -20.08 7.83
C VAL B 50 26.44 -21.50 7.52
N VAL B 51 25.56 -22.06 8.34
CA VAL B 51 25.02 -23.39 8.09
C VAL B 51 24.13 -23.38 6.85
N ASN B 52 23.41 -22.30 6.62
CA ASN B 52 22.70 -22.14 5.36
C ASN B 52 23.65 -21.83 4.21
N LYS B 53 24.83 -21.32 4.51
CA LYS B 53 25.81 -20.89 3.53
C LYS B 53 26.75 -22.03 3.15
N THR B 54 26.49 -23.23 3.64
CA THR B 54 27.24 -24.43 3.30
C THR B 54 26.35 -25.58 2.84
N ILE B 55 25.04 -25.37 2.82
CA ILE B 55 24.09 -26.42 2.55
C ILE B 55 23.34 -26.04 1.27
N CYS B 56 22.81 -27.05 0.58
CA CYS B 56 22.14 -26.79 -0.69
C CYS B 56 20.65 -26.57 -0.44
N ARG B 57 19.92 -26.16 -1.48
CA ARG B 57 18.57 -25.64 -1.28
C ARG B 57 17.50 -26.71 -1.00
N PRO B 58 17.45 -27.86 -1.70
CA PRO B 58 16.56 -28.90 -1.10
C PRO B 58 17.23 -29.51 0.13
N GLU B 59 17.01 -28.83 1.26
CA GLU B 59 17.82 -28.99 2.46
C GLU B 59 17.59 -30.35 3.08
N GLN B 60 18.60 -31.21 3.00
CA GLN B 60 18.55 -32.47 3.72
C GLN B 60 18.66 -32.16 5.20
N LYS B 61 17.69 -32.64 5.98
CA LYS B 61 17.50 -32.18 7.35
C LYS B 61 18.58 -32.63 8.31
N GLN B 62 19.39 -33.62 7.94
CA GLN B 62 20.39 -34.17 8.82
C GLN B 62 21.81 -33.80 8.43
N MET B 63 22.04 -33.33 7.21
CA MET B 63 23.24 -32.57 6.91
C MET B 63 23.15 -31.16 7.47
N LYS B 64 21.96 -30.70 7.83
CA LYS B 64 21.76 -29.37 8.37
C LYS B 64 21.96 -29.36 9.89
N LYS B 65 22.10 -30.52 10.51
CA LYS B 65 22.37 -30.59 11.93
C LYS B 65 23.72 -31.21 12.27
N LEU B 66 24.37 -31.92 11.33
CA LEU B 66 25.80 -32.16 11.45
C LEU B 66 26.58 -30.85 11.52
N VAL B 67 26.33 -29.97 10.56
CA VAL B 67 27.12 -28.74 10.43
C VAL B 67 26.85 -27.79 11.59
N HIS B 68 25.59 -27.73 12.03
CA HIS B 68 25.22 -26.77 13.07
C HIS B 68 25.72 -27.17 14.44
N GLY B 69 26.16 -28.41 14.62
CA GLY B 69 26.69 -28.83 15.89
C GLY B 69 28.19 -28.94 15.89
N LEU B 70 28.78 -28.75 14.71
CA LEU B 70 30.26 -28.75 14.53
C LEU B 70 30.75 -27.35 14.90
N LEU B 71 29.90 -26.33 14.69
CA LEU B 71 30.23 -24.93 15.01
C LEU B 71 29.78 -24.63 16.45
N GLN B 72 28.48 -24.74 16.71
CA GLN B 72 27.91 -24.51 18.06
C GLN B 72 28.01 -25.81 18.87
N GLU B 73 28.22 -25.70 20.18
CA GLU B 73 28.36 -26.91 21.05
C GLU B 73 26.97 -27.35 21.52
N ASN B 74 26.14 -26.39 21.95
CA ASN B 74 24.77 -26.68 22.46
C ASN B 74 23.89 -27.18 21.31
N SER B 75 24.05 -26.61 20.12
CA SER B 75 23.24 -26.98 18.93
C SER B 75 23.45 -28.46 18.59
N GLN B 76 24.70 -28.94 18.69
CA GLN B 76 25.01 -30.35 18.36
C GLN B 76 24.23 -31.29 19.29
N GLU B 77 23.65 -32.34 18.71
CA GLU B 77 22.89 -33.37 19.48
C GLU B 77 23.48 -34.74 19.11
N LYS B 78 22.63 -35.65 18.62
CA LYS B 78 23.13 -36.99 18.19
C LYS B 78 22.42 -37.39 16.89
N ILE B 79 23.14 -38.10 16.02
CA ILE B 79 22.56 -38.58 14.73
C ILE B 79 23.21 -39.94 14.41
N LYS B 80 22.51 -40.80 13.65
CA LYS B 80 23.07 -42.13 13.31
C LYS B 80 24.29 -41.94 12.40
N VAL B 81 25.40 -42.61 12.71
CA VAL B 81 26.63 -42.48 11.87
C VAL B 81 26.30 -43.03 10.48
N SER B 82 25.59 -44.16 10.43
CA SER B 82 25.18 -44.80 9.16
C SER B 82 24.31 -43.88 8.28
N ASP B 83 23.39 -43.14 8.90
CA ASP B 83 22.42 -42.31 8.11
C ASP B 83 23.13 -41.28 7.24
N VAL B 84 24.11 -40.54 7.77
CA VAL B 84 24.82 -39.53 6.94
C VAL B 84 25.61 -40.25 5.83
N THR B 85 26.21 -41.39 6.18
CA THR B 85 27.04 -42.19 5.23
C THR B 85 26.20 -42.68 4.04
N LYS B 86 24.95 -43.10 4.29
CA LYS B 86 24.09 -43.64 3.21
C LYS B 86 23.85 -42.58 2.13
N LEU B 87 23.65 -41.32 2.52
CA LEU B 87 23.40 -40.20 1.57
C LEU B 87 24.70 -39.84 0.84
N ASN B 88 24.57 -39.16 -0.31
CA ASN B 88 25.76 -38.70 -1.07
C ASN B 88 26.03 -37.25 -0.65
N ILE B 89 27.20 -37.00 -0.05
CA ILE B 89 27.57 -35.66 0.51
C ILE B 89 27.64 -34.57 -0.56
N SER B 90 28.18 -34.88 -1.74
CA SER B 90 28.38 -33.85 -2.80
C SER B 90 27.06 -33.21 -3.22
N ASN B 91 25.98 -34.00 -3.35
CA ASN B 91 24.67 -33.47 -3.80
C ASN B 91 24.10 -32.44 -2.83
N PHE B 92 24.27 -32.65 -1.51
CA PHE B 92 23.67 -31.74 -0.50
C PHE B 92 24.57 -30.54 -0.16
N LEU B 93 25.81 -30.50 -0.65
CA LEU B 93 26.73 -29.37 -0.34
C LEU B 93 26.40 -28.14 -1.19
N ASN B 94 26.84 -26.96 -0.76
CA ASN B 94 26.60 -25.68 -1.48
C ASN B 94 27.46 -25.63 -2.75
N HIS B 95 27.09 -24.76 -3.70
CA HIS B 95 27.83 -24.64 -4.99
C HIS B 95 29.29 -24.24 -4.73
N ARG B 96 29.55 -23.37 -3.76
CA ARG B 96 30.95 -22.96 -3.47
C ARG B 96 31.73 -24.24 -3.11
N PHE B 97 31.09 -25.13 -2.34
CA PHE B 97 31.67 -26.42 -2.03
C PHE B 97 31.41 -27.30 -3.26
N LYS B 98 31.51 -28.63 -3.10
CA LYS B 98 31.39 -29.69 -4.12
C LYS B 98 32.64 -29.76 -4.99
N LYS B 99 33.53 -28.80 -4.82
CA LYS B 99 34.82 -28.74 -5.48
C LYS B 99 35.82 -28.25 -4.44
N SER B 100 36.98 -27.79 -4.89
CA SER B 100 38.03 -27.33 -3.99
C SER B 100 37.83 -25.83 -3.73
N LEU B 101 37.61 -25.49 -2.46
CA LEU B 101 37.54 -24.08 -2.06
C LEU B 101 38.90 -23.62 -1.57
N TYR B 102 39.31 -22.44 -2.01
CA TYR B 102 40.56 -21.86 -1.55
C TYR B 102 40.27 -20.54 -0.83
N TYR B 103 40.93 -20.34 0.30
CA TYR B 103 40.81 -19.08 1.00
C TYR B 103 42.14 -18.77 1.66
N PHE B 104 42.31 -17.52 2.01
CA PHE B 104 43.42 -17.01 2.76
C PHE B 104 42.94 -16.64 4.16
N PRO B 105 43.75 -16.83 5.19
CA PRO B 105 43.37 -16.36 6.52
C PRO B 105 43.32 -14.84 6.58
N GLU B 106 42.56 -14.33 7.55
CA GLU B 106 42.44 -12.86 7.75
C GLU B 106 43.80 -12.30 8.19
N ASN B 107 44.41 -12.94 9.19
CA ASN B 107 45.69 -12.55 9.81
C ASN B 107 46.84 -12.63 8.80
N SER B 108 46.82 -13.64 7.92
CA SER B 108 47.93 -13.86 6.96
C SER B 108 48.17 -12.58 6.15
N PRO B 109 49.44 -12.15 5.97
CA PRO B 109 49.76 -10.94 5.21
C PRO B 109 50.20 -11.29 3.79
N ASP B 110 49.51 -10.71 2.78
CA ASP B 110 49.72 -10.86 1.32
C ASP B 110 49.15 -12.21 0.81
N LYS B 111 49.38 -12.52 -0.46
CA LYS B 111 48.88 -13.82 -1.00
C LYS B 111 50.08 -14.65 -1.46
N SER B 112 50.20 -15.87 -0.92
CA SER B 112 51.31 -16.80 -1.24
C SER B 112 50.73 -18.21 -1.40
N GLU B 113 51.48 -19.10 -2.07
CA GLU B 113 51.00 -20.49 -2.29
C GLU B 113 50.80 -21.18 -0.93
N GLU B 114 51.73 -20.97 -0.01
CA GLU B 114 51.66 -21.59 1.35
C GLU B 114 50.45 -21.07 2.13
N TYR B 115 50.21 -19.75 2.07
CA TYR B 115 49.12 -19.10 2.85
C TYR B 115 47.73 -19.60 2.42
N ARG B 116 47.46 -19.72 1.13
CA ARG B 116 46.12 -20.21 0.66
C ARG B 116 45.85 -21.59 1.26
N ILE B 117 44.61 -21.84 1.68
CA ILE B 117 44.20 -23.13 2.31
C ILE B 117 43.21 -23.86 1.41
N GLU B 118 43.42 -25.17 1.22
CA GLU B 118 42.61 -26.01 0.35
C GLU B 118 41.66 -26.84 1.19
N ILE B 119 40.40 -26.91 0.79
CA ILE B 119 39.41 -27.72 1.48
C ILE B 119 38.49 -28.40 0.46
N ASN B 120 38.42 -29.72 0.52
CA ASN B 120 37.45 -30.53 -0.20
C ASN B 120 36.50 -31.09 0.85
N LEU B 121 35.42 -30.34 1.10
CA LEU B 121 34.46 -30.71 2.18
C LEU B 121 33.84 -32.07 1.92
N SER B 122 33.46 -32.37 0.66
CA SER B 122 32.85 -33.70 0.40
C SER B 122 33.86 -34.80 0.72
N GLN B 123 35.12 -34.64 0.27
CA GLN B 123 36.19 -35.64 0.52
C GLN B 123 36.51 -35.68 2.02
N LEU B 124 36.61 -34.50 2.65
CA LEU B 124 36.98 -34.39 4.09
C LEU B 124 35.91 -35.03 4.97
N LEU B 125 34.63 -34.78 4.67
CA LEU B 125 33.51 -35.33 5.48
C LEU B 125 33.47 -36.86 5.34
N GLU B 126 33.72 -37.36 4.13
CA GLU B 126 33.69 -38.83 3.85
C GLU B 126 34.75 -39.56 4.68
N ASP B 127 35.96 -39.00 4.78
CA ASP B 127 37.05 -39.64 5.50
C ASP B 127 36.85 -39.60 7.01
N SER B 128 36.16 -38.58 7.50
CA SER B 128 35.92 -38.47 8.94
C SER B 128 34.86 -39.45 9.41
N LEU B 129 33.83 -39.67 8.58
CA LEU B 129 32.81 -40.65 8.93
C LEU B 129 33.31 -42.07 8.71
N LYS B 130 34.35 -42.24 7.90
CA LYS B 130 35.00 -43.53 7.76
C LYS B 130 35.68 -43.93 9.07
N LYS B 131 36.29 -42.97 9.75
CA LYS B 131 36.91 -43.22 11.05
C LYS B 131 35.90 -43.32 12.18
N GLN B 132 34.65 -42.89 11.96
CA GLN B 132 33.62 -42.97 12.97
C GLN B 132 33.04 -44.38 12.95
N GLN B 133 33.19 -45.09 14.07
CA GLN B 133 32.69 -46.50 14.17
C GLN B 133 31.85 -46.65 15.43
N GLY B 134 30.62 -46.11 15.41
CA GLY B 134 29.68 -46.19 16.54
C GLY B 134 28.25 -46.03 16.06
N THR B 135 27.27 -46.33 16.91
CA THR B 135 25.84 -46.19 16.54
C THR B 135 25.57 -44.71 16.23
N PHE B 136 26.12 -43.81 17.05
CA PHE B 136 25.95 -42.35 16.88
C PHE B 136 27.34 -41.71 16.81
N ILE B 137 27.51 -40.68 15.97
CA ILE B 137 28.84 -40.01 15.82
C ILE B 137 29.22 -39.42 17.19
N CYS B 138 30.48 -39.57 17.59
CA CYS B 138 30.95 -39.06 18.90
C CYS B 138 31.55 -37.68 18.73
N TRP B 139 30.99 -36.65 19.38
CA TRP B 139 31.34 -35.25 19.01
C TRP B 139 32.84 -34.91 19.10
N GLU B 140 33.55 -35.35 20.14
CA GLU B 140 34.99 -34.97 20.18
C GLU B 140 35.77 -35.54 18.99
N SER B 141 35.56 -36.82 18.66
CA SER B 141 36.31 -37.49 17.57
C SER B 141 35.99 -36.94 16.16
N PHE B 142 34.71 -36.78 15.83
CA PHE B 142 34.28 -36.32 14.47
C PHE B 142 34.73 -34.88 14.19
N SER B 143 34.57 -34.03 15.20
CA SER B 143 34.87 -32.58 15.19
C SER B 143 36.37 -32.35 14.99
N LYS B 144 37.21 -33.21 15.56
CA LYS B 144 38.66 -33.08 15.46
C LYS B 144 39.17 -33.20 14.05
N ASP B 145 38.58 -34.11 13.25
CA ASP B 145 38.94 -34.21 11.85
C ASP B 145 38.28 -33.10 11.03
N MET B 146 37.23 -32.49 11.56
CA MET B 146 36.55 -31.36 10.96
C MET B 146 37.25 -30.03 11.22
N GLU B 147 38.47 -30.03 11.73
CA GLU B 147 39.09 -28.78 12.19
C GLU B 147 39.42 -27.85 11.03
N LEU B 148 39.67 -28.42 9.85
CA LEU B 148 39.97 -27.59 8.68
C LEU B 148 38.73 -26.86 8.20
N TYR B 149 37.54 -27.40 8.47
CA TYR B 149 36.30 -26.70 8.15
C TYR B 149 35.89 -25.70 9.24
N ILE B 150 36.08 -26.07 10.51
CA ILE B 150 35.70 -25.18 11.62
C ILE B 150 36.57 -23.92 11.61
N ASN B 151 37.82 -24.03 11.19
CA ASN B 151 38.68 -22.87 11.03
C ASN B 151 38.24 -21.98 9.86
N TRP B 152 37.56 -22.54 8.87
CA TRP B 152 37.02 -21.72 7.78
C TRP B 152 35.87 -20.86 8.28
N ALA B 153 34.96 -21.44 9.04
CA ALA B 153 33.74 -20.75 9.44
C ALA B 153 34.02 -19.65 10.44
N GLU B 154 34.99 -19.89 11.33
CA GLU B 154 35.40 -18.89 12.34
C GLU B 154 35.98 -17.69 11.61
N ASN B 155 36.79 -17.95 10.57
CA ASN B 155 37.37 -16.89 9.76
C ASN B 155 36.28 -16.16 8.98
N TYR B 156 35.29 -16.90 8.49
CA TYR B 156 34.22 -16.28 7.72
C TYR B 156 33.35 -15.38 8.59
N ILE B 157 33.04 -15.83 9.81
CA ILE B 157 32.23 -15.02 10.71
C ILE B 157 33.00 -13.79 11.16
N SER B 158 34.28 -13.95 11.51
CA SER B 158 35.04 -12.85 12.07
C SER B 158 35.38 -11.77 11.05
N SER B 159 35.49 -12.14 9.78
CA SER B 159 35.76 -11.13 8.77
C SER B 159 34.51 -10.40 8.32
N LYS B 160 33.38 -11.10 8.22
CA LYS B 160 32.14 -10.44 7.85
C LYS B 160 31.56 -9.60 8.98
N THR B 161 31.80 -9.98 10.24
CA THR B 161 31.35 -9.16 11.36
C THR B 161 32.20 -7.94 11.57
N LYS B 162 33.34 -7.86 10.90
CA LYS B 162 34.27 -6.76 10.99
C LYS B 162 34.09 -5.75 9.87
N LEU B 163 33.58 -6.21 8.72
CA LEU B 163 33.16 -5.33 7.64
C LEU B 163 31.85 -4.63 7.95
N ILE B 164 30.92 -5.32 8.61
CA ILE B 164 29.66 -4.70 8.99
C ILE B 164 29.90 -3.65 10.07
N LYS B 165 30.78 -3.96 11.01
CA LYS B 165 31.11 -3.05 12.09
C LYS B 165 31.87 -1.82 11.59
N LYS B 166 32.62 -1.95 10.50
CA LYS B 166 33.28 -0.80 9.90
C LYS B 166 32.31 0.02 9.08
N SER B 167 31.32 -0.64 8.49
CA SER B 167 30.29 0.03 7.70
C SER B 167 29.37 0.89 8.56
N ILE B 168 29.14 0.50 9.81
CA ILE B 168 28.28 1.27 10.69
C ILE B 168 28.98 2.52 11.20
N ARG B 169 30.23 2.38 11.65
CA ARG B 169 30.95 3.50 12.23
C ARG B 169 31.29 4.58 11.22
N ASN B 170 31.51 4.21 9.97
CA ASN B 170 31.82 5.21 8.97
C ASN B 170 30.58 5.87 8.39
N ASN B 171 29.39 5.38 8.69
CA ASN B 171 28.16 5.90 8.09
C ASN B 171 27.77 7.17 8.82
N ARG B 172 28.47 8.23 8.50
CA ARG B 172 28.25 9.55 9.08
C ARG B 172 27.49 10.42 8.10
N ILE B 173 27.05 11.57 8.58
CA ILE B 173 26.22 12.46 7.80
C ILE B 173 27.10 13.48 7.11
N GLN B 174 26.93 13.60 5.78
CA GLN B 174 27.60 14.57 4.92
C GLN B 174 29.12 14.37 5.00
N SER B 175 29.53 13.17 4.58
CA SER B 175 30.87 12.71 4.79
C SER B 175 31.84 13.32 3.79
N THR B 176 33.02 13.68 4.27
CA THR B 176 34.12 14.12 3.42
C THR B 176 35.39 13.32 3.65
N GLU B 177 35.33 12.27 4.46
CA GLU B 177 36.51 11.47 4.74
C GLU B 177 36.57 10.20 3.91
N SER B 178 35.45 9.79 3.32
CA SER B 178 35.39 8.54 2.59
C SER B 178 35.78 8.75 1.13
N ARG B 179 36.29 7.68 0.53
CA ARG B 179 36.31 7.58 -0.91
C ARG B 179 34.88 7.62 -1.40
N SER B 180 34.63 8.40 -2.46
CA SER B 180 33.28 8.56 -3.06
C SER B 180 32.56 9.71 -2.37
N GLY B 181 33.08 10.15 -1.23
CA GLY B 181 32.55 11.32 -0.51
C GLY B 181 33.42 12.51 -0.85
N GLN B 182 34.73 12.26 -0.82
CA GLN B 182 35.77 13.25 -1.21
C GLN B 182 35.61 13.53 -2.70
N LEU B 183 35.35 12.47 -3.47
CA LEU B 183 35.16 12.54 -4.95
C LEU B 183 33.93 13.40 -5.27
N MET B 184 32.82 13.17 -4.56
CA MET B 184 31.57 13.95 -4.77
C MET B 184 31.84 15.41 -4.38
N ASP B 185 32.57 15.61 -3.28
CA ASP B 185 32.92 16.97 -2.79
C ASP B 185 33.80 17.64 -3.85
N ARG B 186 34.73 16.88 -4.44
CA ARG B 186 35.65 17.40 -5.49
C ARG B 186 34.86 17.85 -6.71
N TYR B 187 33.85 17.07 -7.13
CA TYR B 187 33.03 17.44 -8.29
C TYR B 187 32.11 18.61 -7.97
N MET B 188 31.70 18.74 -6.71
CA MET B 188 30.78 19.81 -6.33
C MET B 188 31.48 21.16 -6.37
N LYS B 189 32.77 21.20 -6.04
CA LYS B 189 33.53 22.45 -6.10
C LYS B 189 33.97 22.81 -7.51
N ASP B 190 34.00 21.86 -8.43
CA ASP B 190 34.25 22.15 -9.83
C ASP B 190 32.97 22.45 -10.60
N ILE B 191 31.88 22.77 -9.92
CA ILE B 191 30.67 23.27 -10.55
C ILE B 191 30.33 24.69 -10.07
N LEU B 192 30.48 24.94 -8.76
CA LEU B 192 30.40 26.31 -8.24
C LEU B 192 31.44 27.21 -8.89
N ASN B 193 32.65 26.69 -9.07
CA ASN B 193 33.55 27.20 -10.08
C ASN B 193 33.14 26.54 -11.39
N LYS B 194 32.58 27.31 -12.32
CA LYS B 194 31.82 26.75 -13.45
C LYS B 194 32.78 26.06 -14.42
N ASN B 195 33.12 24.82 -14.07
CA ASN B 195 34.10 24.02 -14.79
C ASN B 195 33.45 22.68 -15.14
N LYS B 196 34.22 21.80 -15.77
CA LYS B 196 33.74 20.47 -16.10
C LYS B 196 34.31 19.47 -15.10
N PRO B 197 33.47 18.78 -14.32
CA PRO B 197 33.98 17.87 -13.29
C PRO B 197 34.64 16.63 -13.84
N PHE B 198 34.00 16.02 -14.83
CA PHE B 198 34.45 14.75 -15.38
C PHE B 198 34.15 14.72 -16.86
N ASP B 199 34.92 13.90 -17.57
CA ASP B 199 34.70 13.66 -19.00
C ASP B 199 34.33 12.20 -19.15
N ILE B 200 33.14 11.95 -19.69
CA ILE B 200 32.66 10.57 -19.86
C ILE B 200 33.49 9.84 -20.91
N GLN B 201 33.86 10.53 -21.98
CA GLN B 201 34.54 9.89 -23.10
C GLN B 201 35.97 9.48 -22.73
N SER B 202 36.62 10.22 -21.84
CA SER B 202 37.98 9.87 -21.45
C SER B 202 38.04 8.87 -20.31
N VAL B 203 37.04 8.87 -19.42
CA VAL B 203 37.01 7.88 -18.35
C VAL B 203 36.48 6.55 -18.87
N SER B 204 35.78 6.54 -20.01
CA SER B 204 35.34 5.29 -20.59
C SER B 204 36.42 4.62 -21.41
N GLU B 205 37.52 5.32 -21.70
CA GLU B 205 38.64 4.70 -22.40
C GLU B 205 39.60 4.02 -21.43
N LYS B 206 39.79 4.60 -20.24
CA LYS B 206 40.54 3.92 -19.20
C LYS B 206 39.81 2.67 -18.73
N TYR B 207 38.49 2.73 -18.66
CA TYR B 207 37.69 1.60 -18.22
C TYR B 207 37.64 0.50 -19.26
N GLN B 208 37.96 0.82 -20.51
CA GLN B 208 37.84 -0.08 -21.67
C GLN B 208 36.42 -0.61 -21.80
N LEU B 209 35.48 0.31 -21.86
CA LEU B 209 34.08 -0.07 -21.93
C LEU B 209 33.67 -0.58 -23.30
N GLU B 210 34.52 -0.40 -24.31
CA GLU B 210 34.32 -1.09 -25.58
C GLU B 210 34.61 -2.58 -25.45
N LYS B 211 35.53 -2.95 -24.56
CA LYS B 211 35.80 -4.36 -24.30
C LYS B 211 34.69 -5.00 -23.48
N LEU B 212 34.10 -4.25 -22.55
CA LEU B 212 32.80 -4.59 -21.98
C LEU B 212 31.72 -4.21 -23.00
N THR B 213 30.46 -4.51 -22.71
CA THR B 213 29.27 -4.15 -23.50
C THR B 213 29.24 -4.75 -24.91
N SER B 214 30.30 -5.45 -25.30
CA SER B 214 30.34 -6.37 -26.41
C SER B 214 30.55 -7.79 -25.95
N ALA B 215 31.22 -7.98 -24.81
CA ALA B 215 31.17 -9.24 -24.09
C ALA B 215 29.91 -9.37 -23.26
N LEU B 216 29.28 -8.25 -22.89
CA LEU B 216 27.95 -8.33 -22.30
C LEU B 216 26.93 -8.75 -23.34
N LYS B 217 27.05 -8.23 -24.56
CA LYS B 217 26.16 -8.67 -25.62
C LYS B 217 26.50 -10.06 -26.12
N ALA B 218 27.77 -10.46 -26.09
CA ALA B 218 28.12 -11.82 -26.48
C ALA B 218 27.66 -12.86 -25.48
N THR B 219 27.33 -12.47 -24.26
CA THR B 219 26.72 -13.41 -23.33
C THR B 219 25.21 -13.45 -23.51
N PHE B 220 24.62 -12.26 -23.68
CA PHE B 220 23.15 -12.12 -23.87
C PHE B 220 22.71 -12.78 -25.17
N LYS B 221 23.50 -12.62 -26.24
CA LYS B 221 23.18 -13.17 -27.59
C LYS B 221 23.76 -14.58 -27.74
N GLU B 222 24.39 -15.12 -26.69
CA GLU B 222 24.99 -16.48 -26.74
C GLU B 222 23.87 -17.49 -27.02
N ALA B 223 24.18 -18.50 -27.86
CA ALA B 223 23.20 -19.54 -28.23
C ALA B 223 22.80 -20.36 -27.01
N LYS B 224 21.56 -20.83 -26.98
CA LYS B 224 20.98 -21.63 -25.86
C LYS B 224 20.98 -20.80 -24.56
N LYS B 225 20.69 -19.50 -24.68
CA LYS B 225 20.60 -18.59 -23.52
C LYS B 225 19.32 -18.92 -22.75
N ASN B 226 19.35 -18.81 -21.42
CA ASN B 226 18.16 -19.11 -20.57
C ASN B 226 17.78 -17.86 -19.77
N ASP B 227 16.50 -17.45 -19.81
CA ASP B 227 16.07 -16.28 -19.07
C ASP B 227 16.05 -16.49 -17.57
N LYS B 228 16.15 -17.73 -17.10
CA LYS B 228 16.31 -18.01 -15.68
C LYS B 228 17.74 -17.78 -15.23
N GLU B 229 18.71 -17.79 -16.14
CA GLU B 229 20.13 -17.73 -15.81
C GLU B 229 20.85 -16.50 -16.28
N ILE B 230 20.29 -15.73 -17.22
CA ILE B 230 21.09 -14.78 -17.98
C ILE B 230 21.56 -13.60 -17.11
N ASN B 231 20.87 -13.30 -16.03
CA ASN B 231 21.30 -12.20 -15.17
C ASN B 231 22.49 -12.60 -14.31
N TYR B 232 22.63 -13.90 -14.03
CA TYR B 232 23.72 -14.37 -13.18
C TYR B 232 25.02 -14.50 -13.94
N LYS B 233 24.98 -14.69 -15.26
CA LYS B 233 26.19 -14.77 -16.03
C LYS B 233 26.48 -13.50 -16.81
N LEU B 234 25.52 -12.58 -16.89
CA LEU B 234 25.87 -11.19 -17.13
C LEU B 234 26.53 -10.57 -15.91
N LYS B 235 26.31 -11.12 -14.72
CA LYS B 235 27.01 -10.63 -13.55
C LYS B 235 28.47 -11.09 -13.57
N SER B 236 28.67 -12.37 -13.86
CA SER B 236 30.03 -12.96 -13.86
C SER B 236 30.92 -12.28 -14.92
N THR B 237 30.37 -12.00 -16.10
CA THR B 237 31.17 -11.35 -17.18
C THR B 237 31.63 -9.96 -16.72
N LEU B 238 30.77 -9.20 -16.05
CA LEU B 238 31.13 -7.84 -15.57
C LEU B 238 32.25 -7.97 -14.53
N GLN B 239 32.13 -8.93 -13.61
CA GLN B 239 33.13 -9.16 -12.54
C GLN B 239 34.47 -9.55 -13.17
N ASN B 240 34.42 -10.37 -14.23
CA ASN B 240 35.64 -10.82 -14.95
C ASN B 240 36.35 -9.59 -15.54
N HIS B 241 35.58 -8.64 -16.08
CA HIS B 241 36.16 -7.40 -16.69
C HIS B 241 36.90 -6.58 -15.64
N GLU B 242 36.34 -6.45 -14.43
CA GLU B 242 36.98 -5.64 -13.35
C GLU B 242 38.33 -6.26 -12.98
N ARG B 243 38.37 -7.60 -12.90
CA ARG B 243 39.55 -8.35 -12.53
C ARG B 243 40.75 -8.01 -13.41
N GLN B 244 40.50 -7.64 -14.66
CA GLN B 244 41.54 -7.30 -15.61
C GLN B 244 41.95 -5.84 -15.56
N ILE B 245 41.06 -4.96 -15.10
CA ILE B 245 41.32 -3.54 -15.01
C ILE B 245 41.60 -3.12 -13.56
N ILE B 246 41.94 -4.09 -12.71
CA ILE B 246 41.97 -3.90 -11.27
C ILE B 246 43.14 -3.01 -10.83
N GLU B 247 44.17 -2.85 -11.67
CA GLU B 247 45.34 -2.09 -11.27
C GLU B 247 45.04 -0.61 -11.11
N GLU B 248 44.08 -0.09 -11.88
CA GLU B 248 43.71 1.31 -11.79
C GLU B 248 42.29 1.54 -11.28
N LEU B 249 41.63 0.49 -10.77
CA LEU B 249 40.46 0.71 -9.95
C LEU B 249 40.83 1.13 -8.54
N LYS B 250 42.01 0.74 -8.08
CA LYS B 250 42.44 1.06 -6.73
C LYS B 250 43.18 2.38 -6.63
N GLU B 251 43.51 3.04 -7.75
CA GLU B 251 44.34 4.23 -7.73
C GLU B 251 43.75 5.40 -8.50
N ASN B 252 42.45 5.42 -8.75
CA ASN B 252 41.91 6.52 -9.52
C ASN B 252 40.77 7.25 -8.85
N SER B 253 39.83 6.53 -8.22
CA SER B 253 38.67 6.99 -7.46
C SER B 253 37.59 7.67 -8.29
N GLU B 254 37.82 7.93 -9.57
CA GLU B 254 36.75 8.21 -10.49
C GLU B 254 36.58 7.15 -11.55
N LEU B 255 37.60 6.32 -11.77
CA LEU B 255 37.42 5.08 -12.50
C LEU B 255 36.80 4.04 -11.59
N ASN B 256 37.01 4.19 -10.28
CA ASN B 256 36.30 3.37 -9.30
C ASN B 256 34.84 3.76 -9.21
N GLN B 257 34.55 5.06 -9.22
CA GLN B 257 33.17 5.51 -9.13
C GLN B 257 32.41 5.22 -10.40
N PHE B 258 33.10 5.23 -11.54
CA PHE B 258 32.53 4.83 -12.82
C PHE B 258 32.14 3.36 -12.82
N ASN B 259 32.83 2.55 -12.04
CA ASN B 259 32.55 1.12 -11.97
C ASN B 259 31.33 0.84 -11.10
N ILE B 260 31.18 1.57 -9.99
CA ILE B 260 30.03 1.38 -9.11
C ILE B 260 28.74 1.80 -9.80
N GLU B 261 28.78 2.81 -10.67
CA GLU B 261 27.58 3.21 -11.38
C GLU B 261 27.20 2.22 -12.47
N ILE B 262 28.20 1.55 -13.05
CA ILE B 262 27.89 0.54 -14.05
C ILE B 262 27.62 -0.81 -13.40
N ARG B 263 28.03 -0.97 -12.14
CA ARG B 263 27.60 -2.12 -11.37
C ARG B 263 26.14 -1.97 -10.97
N LYS B 264 25.69 -0.72 -10.77
CA LYS B 264 24.36 -0.45 -10.26
C LYS B 264 23.31 -0.40 -11.35
N HIS B 265 23.68 0.10 -12.54
CA HIS B 265 22.84 0.01 -13.72
C HIS B 265 22.58 -1.44 -14.13
N LEU B 266 23.49 -2.33 -13.84
CA LEU B 266 23.36 -3.70 -14.32
C LEU B 266 22.35 -4.48 -13.48
N GLU B 267 22.09 -4.08 -12.23
CA GLU B 267 21.05 -4.80 -11.50
C GLU B 267 19.79 -3.98 -11.24
N THR B 268 19.57 -2.91 -11.98
CA THR B 268 18.22 -2.39 -12.09
C THR B 268 17.51 -2.89 -13.34
N TYR B 269 18.23 -3.08 -14.44
CA TYR B 269 17.61 -3.58 -15.65
C TYR B 269 17.88 -5.03 -15.93
N PHE B 270 18.88 -5.62 -15.28
CA PHE B 270 19.15 -7.05 -15.35
C PHE B 270 19.30 -7.58 -13.93
N PRO B 271 18.23 -7.61 -13.15
CA PRO B 271 18.38 -7.74 -11.70
C PRO B 271 18.72 -9.15 -11.27
N ILE B 272 19.31 -9.23 -10.08
CA ILE B 272 19.86 -10.48 -9.56
C ILE B 272 19.38 -10.72 -8.13
N LYS B 273 18.74 -9.72 -7.53
CA LYS B 273 18.23 -9.81 -6.16
C LYS B 273 16.81 -9.29 -6.08
N LYS B 274 15.99 -9.45 -7.12
CA LYS B 274 14.79 -8.63 -7.19
C LYS B 274 13.54 -9.36 -7.70
N THR B 275 13.53 -10.70 -7.73
CA THR B 275 12.44 -11.51 -8.31
C THR B 275 12.20 -11.14 -9.77
N ASN B 276 13.05 -11.63 -10.67
CA ASN B 276 13.25 -11.24 -12.07
C ASN B 276 12.01 -10.83 -12.87
N ARG B 277 10.98 -11.66 -12.96
CA ARG B 277 9.67 -11.31 -13.51
C ARG B 277 9.57 -10.80 -14.96
N LYS B 278 10.70 -10.65 -15.66
CA LYS B 278 10.70 -9.94 -16.94
C LYS B 278 12.05 -10.17 -17.59
N VAL B 279 12.07 -10.17 -18.92
CA VAL B 279 13.32 -10.29 -19.65
C VAL B 279 13.88 -8.89 -19.86
N GLY B 280 15.19 -8.73 -19.63
CA GLY B 280 15.82 -7.46 -19.91
C GLY B 280 15.98 -7.22 -21.40
N ASP B 281 16.28 -5.99 -21.76
CA ASP B 281 16.44 -5.61 -23.15
C ASP B 281 17.91 -5.41 -23.50
N ILE B 282 18.27 -5.84 -24.72
CA ILE B 282 19.59 -5.57 -25.27
C ILE B 282 19.72 -4.12 -25.72
N ARG B 283 18.62 -3.38 -25.66
CA ARG B 283 18.64 -1.91 -25.88
C ARG B 283 19.40 -1.31 -24.70
N ASN B 284 19.18 -1.88 -23.51
CA ASN B 284 19.69 -1.43 -22.19
C ASN B 284 21.22 -1.47 -22.04
N LEU B 285 21.92 -2.45 -22.62
CA LEU B 285 23.38 -2.48 -22.40
C LEU B 285 24.14 -2.43 -23.73
N GLU B 286 24.21 -1.22 -24.32
CA GLU B 286 24.89 -0.99 -25.62
C GLU B 286 25.78 0.25 -25.47
N ILE B 287 26.91 0.29 -26.17
CA ILE B 287 27.84 1.45 -26.10
C ILE B 287 27.08 2.70 -26.59
N GLY B 288 27.28 3.84 -25.91
CA GLY B 288 26.60 5.06 -26.24
C GLY B 288 25.38 5.33 -25.39
N GLU B 289 24.58 4.31 -25.10
CA GLU B 289 23.47 4.43 -24.17
C GLU B 289 23.86 4.04 -22.75
N ILE B 290 24.79 3.12 -22.56
CA ILE B 290 25.22 2.79 -21.22
C ILE B 290 26.14 3.89 -20.66
N GLN B 291 26.72 4.72 -21.51
CA GLN B 291 27.46 5.88 -21.01
C GLN B 291 26.65 7.16 -21.11
N LYS B 292 25.48 7.13 -21.75
CA LYS B 292 24.51 8.20 -21.56
C LYS B 292 23.90 8.13 -20.17
N ILE B 293 23.70 6.91 -19.67
CA ILE B 293 23.02 6.73 -18.40
C ILE B 293 23.96 7.01 -17.23
N VAL B 294 25.22 6.57 -17.34
CA VAL B 294 26.20 6.78 -16.27
C VAL B 294 26.46 8.27 -16.03
N ASN B 295 26.50 9.07 -17.10
CA ASN B 295 26.53 10.53 -16.97
C ASN B 295 25.30 11.07 -16.27
N HIS B 296 24.15 10.40 -16.41
CA HIS B 296 22.90 10.87 -15.84
C HIS B 296 22.72 10.45 -14.39
N ARG B 297 23.25 9.30 -13.99
CA ARG B 297 23.15 8.85 -12.61
C ARG B 297 24.46 9.00 -11.85
N LEU B 298 25.36 9.85 -12.33
CA LEU B 298 26.45 10.36 -11.52
C LEU B 298 26.32 11.86 -11.30
N LYS B 299 25.62 12.56 -12.19
CA LYS B 299 25.21 13.93 -11.93
C LYS B 299 24.10 13.98 -10.88
N ASN B 300 23.31 12.91 -10.76
CA ASN B 300 22.26 12.85 -9.76
C ASN B 300 22.82 12.83 -8.34
N LYS B 301 23.97 12.19 -8.14
CA LYS B 301 24.54 12.17 -6.79
C LYS B 301 25.19 13.50 -6.42
N ILE B 302 25.61 14.29 -7.40
CA ILE B 302 26.13 15.64 -7.14
C ILE B 302 25.00 16.59 -6.77
N VAL B 303 23.84 16.45 -7.40
CA VAL B 303 22.71 17.33 -7.11
C VAL B 303 22.08 16.98 -5.75
N GLN B 304 22.07 15.70 -5.41
CA GLN B 304 21.63 15.32 -4.08
C GLN B 304 22.64 15.68 -3.01
N ARG B 305 23.89 15.91 -3.39
CA ARG B 305 24.91 16.38 -2.46
C ARG B 305 24.74 17.85 -2.14
N ILE B 306 24.34 18.65 -3.14
CA ILE B 306 24.24 20.09 -2.96
C ILE B 306 23.05 20.43 -2.08
N LEU B 307 21.89 19.85 -2.35
CA LEU B 307 20.71 20.21 -1.59
C LEU B 307 20.69 19.58 -0.21
N GLN B 308 21.53 18.57 0.05
CA GLN B 308 21.53 17.95 1.37
C GLN B 308 22.28 18.78 2.38
N GLU B 309 23.18 19.65 1.94
CA GLU B 309 23.83 20.62 2.81
C GLU B 309 23.49 22.06 2.45
N GLY B 310 22.53 22.26 1.55
CA GLY B 310 21.83 23.52 1.50
C GLY B 310 20.72 23.45 2.53
N LYS B 311 20.27 22.22 2.81
CA LYS B 311 19.35 21.99 3.91
C LYS B 311 20.04 22.19 5.25
N LEU B 312 21.30 21.79 5.35
CA LEU B 312 22.06 21.99 6.57
C LEU B 312 22.56 23.41 6.75
N ALA B 313 22.36 24.28 5.77
CA ALA B 313 22.66 25.69 5.92
C ALA B 313 21.43 26.53 6.18
N SER B 314 20.25 26.08 5.74
CA SER B 314 19.01 26.77 6.07
C SER B 314 18.70 26.62 7.54
N TYR B 315 18.66 25.38 8.03
CA TYR B 315 18.66 25.15 9.46
C TYR B 315 20.11 25.16 9.93
N GLU B 316 20.41 26.00 10.92
CA GLU B 316 21.80 26.25 11.29
C GLU B 316 22.31 25.09 12.16
N ILE B 317 22.45 23.94 11.51
CA ILE B 317 22.87 22.68 12.20
C ILE B 317 23.82 21.93 11.27
N GLU B 318 24.77 22.63 10.65
CA GLU B 318 25.73 22.00 9.69
C GLU B 318 26.90 21.35 10.43
N SER B 319 27.01 21.55 11.75
CA SER B 319 28.11 20.94 12.53
C SER B 319 27.56 20.05 13.64
N THR B 320 26.31 20.29 14.05
CA THR B 320 25.69 19.48 15.15
C THR B 320 24.45 18.75 14.62
N VAL B 321 24.50 18.27 13.37
CA VAL B 321 23.36 17.52 12.77
C VAL B 321 23.36 16.11 13.36
N ASN B 322 22.33 15.79 14.16
CA ASN B 322 22.20 14.46 14.83
C ASN B 322 21.21 13.60 14.05
N SER B 323 21.09 12.33 14.43
CA SER B 323 20.12 11.42 13.77
C SER B 323 18.71 11.84 14.18
N ASN B 324 18.59 12.39 15.40
CA ASN B 324 17.31 12.86 15.96
C ASN B 324 16.75 14.13 15.29
N SER B 325 17.61 15.09 14.92
CA SER B 325 17.12 16.34 14.38
C SER B 325 16.83 16.27 12.89
N LEU B 326 17.49 15.36 12.15
CA LEU B 326 16.99 15.04 10.82
C LEU B 326 15.61 14.42 10.88
N GLN B 327 15.36 13.60 11.89
CA GLN B 327 14.05 13.02 12.15
C GLN B 327 13.06 14.06 12.65
N LYS B 328 13.54 15.16 13.19
CA LYS B 328 12.68 16.25 13.63
C LYS B 328 12.34 17.21 12.49
N ILE B 329 13.29 17.47 11.59
CA ILE B 329 13.02 18.20 10.36
C ILE B 329 12.00 17.46 9.49
N LYS B 330 12.04 16.13 9.49
CA LYS B 330 11.12 15.32 8.68
C LYS B 330 9.67 15.48 9.13
N ILE B 331 9.46 15.72 10.42
CA ILE B 331 8.10 15.90 10.92
C ILE B 331 7.56 17.28 10.59
N GLU B 332 8.33 18.33 10.84
CA GLU B 332 7.86 19.69 10.64
C GLU B 332 7.70 20.06 9.18
N GLU B 333 8.37 19.37 8.26
CA GLU B 333 8.12 19.55 6.85
C GLU B 333 6.94 18.73 6.35
N ALA B 334 6.52 17.71 7.08
CA ALA B 334 5.28 17.02 6.76
C ALA B 334 4.07 17.89 7.03
N PHE B 335 4.14 18.71 8.08
CA PHE B 335 3.03 19.63 8.39
C PHE B 335 3.09 20.86 7.51
N ALA B 336 4.28 21.34 7.20
CA ALA B 336 4.40 22.55 6.39
C ALA B 336 3.98 22.30 4.96
N LEU B 337 4.31 21.14 4.41
CA LEU B 337 3.86 20.76 3.08
C LEU B 337 2.35 20.59 3.03
N LYS B 338 1.76 20.03 4.10
CA LYS B 338 0.32 19.81 4.14
C LYS B 338 -0.43 21.12 4.28
N PHE B 339 0.17 22.09 4.95
CA PHE B 339 -0.46 23.37 5.20
C PHE B 339 -0.34 24.31 4.01
N ILE B 340 0.69 24.15 3.18
CA ILE B 340 0.81 24.90 1.94
C ILE B 340 -0.24 24.47 0.92
N ASN B 341 -0.52 23.18 0.80
CA ASN B 341 -1.46 22.70 -0.21
C ASN B 341 -2.90 23.02 0.13
N ALA B 342 -3.17 23.45 1.36
CA ALA B 342 -4.51 23.93 1.67
C ALA B 342 -4.60 25.44 1.54
N CYS B 343 -3.47 26.13 1.55
CA CYS B 343 -3.50 27.57 1.27
C CYS B 343 -3.54 27.82 -0.23
N LEU B 344 -3.16 26.83 -1.04
CA LEU B 344 -3.25 26.98 -2.48
C LEU B 344 -4.62 26.61 -3.01
N PHE B 345 -5.35 25.78 -2.28
CA PHE B 345 -6.70 25.47 -2.72
C PHE B 345 -7.68 26.56 -2.28
N ALA B 346 -7.40 27.21 -1.15
CA ALA B 346 -8.21 28.34 -0.75
C ALA B 346 -7.90 29.59 -1.56
N SER B 347 -6.66 29.73 -2.01
CA SER B 347 -6.32 30.77 -2.97
C SER B 347 -6.99 30.54 -4.32
N ASN B 348 -7.29 29.28 -4.65
CA ASN B 348 -8.02 28.96 -5.87
C ASN B 348 -9.46 29.43 -5.78
N ASN B 349 -10.07 29.31 -4.61
CA ASN B 349 -11.46 29.72 -4.48
C ASN B 349 -11.60 31.23 -4.42
N LEU B 350 -10.60 31.91 -3.86
CA LEU B 350 -10.59 33.37 -3.89
C LEU B 350 -10.26 33.90 -5.27
N ARG B 351 -9.65 33.07 -6.13
CA ARG B 351 -9.53 33.41 -7.54
C ARG B 351 -10.89 33.43 -8.22
N ASN B 352 -11.72 32.42 -7.97
CA ASN B 352 -12.97 32.27 -8.71
C ASN B 352 -14.02 33.28 -8.30
N MET B 353 -13.98 33.77 -7.06
CA MET B 353 -14.89 34.83 -6.64
C MET B 353 -14.58 36.13 -7.34
N VAL B 354 -13.29 36.45 -7.48
CA VAL B 354 -12.89 37.76 -7.94
C VAL B 354 -12.73 37.80 -9.45
N TYR B 355 -11.82 37.00 -9.99
CA TYR B 355 -11.52 37.04 -11.43
C TYR B 355 -10.99 35.68 -11.88
N PRO B 356 -11.82 34.88 -12.58
CA PRO B 356 -11.46 33.48 -12.86
C PRO B 356 -10.41 33.30 -13.93
N VAL B 357 -9.93 34.35 -14.59
CA VAL B 357 -9.06 34.17 -15.75
C VAL B 357 -7.60 34.44 -15.38
N CYS B 358 -7.35 34.97 -14.17
CA CYS B 358 -6.00 35.25 -13.72
C CYS B 358 -5.22 33.96 -13.48
N LYS B 359 -4.02 33.88 -14.06
CA LYS B 359 -3.20 32.69 -13.98
C LYS B 359 -1.90 32.96 -13.21
N LYS B 360 -1.87 33.98 -12.37
CA LYS B 360 -0.72 34.31 -11.54
C LYS B 360 -1.14 34.25 -10.07
N ASP B 361 -0.21 34.62 -9.19
CA ASP B 361 -0.42 34.57 -7.75
C ASP B 361 -1.32 35.75 -7.36
N ILE B 362 -2.57 35.45 -7.03
CA ILE B 362 -3.51 36.48 -6.62
C ILE B 362 -3.23 36.96 -5.21
N LEU B 363 -2.61 36.13 -4.38
CA LEU B 363 -2.28 36.55 -3.02
C LEU B 363 -1.07 37.49 -2.95
N MET B 364 -0.46 37.81 -4.09
CA MET B 364 0.41 38.98 -4.18
C MET B 364 -0.43 40.23 -3.94
N ILE B 365 0.16 41.23 -3.27
CA ILE B 365 -0.60 42.40 -2.84
C ILE B 365 -0.97 43.27 -4.03
N GLY B 366 0.00 43.58 -4.88
CA GLY B 366 -0.23 44.46 -6.01
C GLY B 366 -1.03 43.83 -7.13
N GLU B 367 -0.75 42.56 -7.44
CA GLU B 367 -1.46 41.88 -8.51
C GLU B 367 -2.90 41.54 -8.15
N PHE B 368 -3.26 41.58 -6.87
CA PHE B 368 -4.65 41.46 -6.48
C PHE B 368 -5.45 42.70 -6.87
N LYS B 369 -4.80 43.88 -6.90
CA LYS B 369 -5.46 45.10 -7.34
C LYS B 369 -5.82 45.04 -8.82
N ASN B 370 -4.94 44.46 -9.64
CA ASN B 370 -5.25 44.30 -11.05
C ASN B 370 -6.28 43.21 -11.27
N SER B 371 -6.42 42.28 -10.33
CA SER B 371 -7.45 41.26 -10.43
C SER B 371 -8.78 41.72 -9.84
N PHE B 372 -8.74 42.63 -8.87
CA PHE B 372 -9.96 43.19 -8.28
C PHE B 372 -10.71 44.10 -9.26
N LYS B 373 -10.00 44.66 -10.25
CA LYS B 373 -10.60 45.63 -11.16
C LYS B 373 -11.67 45.02 -12.05
N GLU B 374 -11.51 43.74 -12.41
CA GLU B 374 -12.43 43.06 -13.31
C GLU B 374 -13.20 42.01 -12.53
N ILE B 375 -14.34 42.42 -11.96
CA ILE B 375 -15.23 41.53 -11.22
C ILE B 375 -16.62 41.61 -11.83
N LYS B 376 -17.13 40.47 -12.28
CA LYS B 376 -18.55 40.34 -12.57
C LYS B 376 -19.31 40.39 -11.27
N HIS B 377 -20.05 41.47 -11.04
CA HIS B 377 -20.61 41.75 -9.72
C HIS B 377 -21.80 40.85 -9.40
N LYS B 378 -22.50 40.37 -10.42
CA LYS B 378 -23.66 39.51 -10.18
C LYS B 378 -23.22 38.11 -9.75
N LYS B 379 -22.02 37.70 -10.15
CA LYS B 379 -21.52 36.37 -9.79
C LYS B 379 -21.00 36.33 -8.37
N PHE B 380 -20.42 37.44 -7.87
CA PHE B 380 -19.80 37.44 -6.55
C PHE B 380 -20.83 37.29 -5.43
N ILE B 381 -22.02 37.87 -5.60
CA ILE B 381 -23.05 37.75 -4.58
C ILE B 381 -23.58 36.33 -4.53
N ARG B 382 -23.76 35.72 -5.71
CA ARG B 382 -24.25 34.34 -5.78
C ARG B 382 -23.20 33.36 -5.29
N GLN B 383 -21.92 33.69 -5.45
CA GLN B 383 -20.85 32.84 -4.98
C GLN B 383 -20.66 32.98 -3.47
N TRP B 384 -20.91 34.18 -2.95
CA TRP B 384 -20.75 34.44 -1.52
C TRP B 384 -21.79 33.72 -0.70
N SER B 385 -22.99 33.54 -1.25
CA SER B 385 -24.05 32.82 -0.56
C SER B 385 -23.80 31.33 -0.49
N GLN B 386 -22.86 30.80 -1.27
CA GLN B 386 -22.49 29.40 -1.20
C GLN B 386 -21.38 29.13 -0.19
N PHE B 387 -20.32 29.93 -0.17
CA PHE B 387 -19.25 29.74 0.81
C PHE B 387 -19.68 30.19 2.19
N PHE B 388 -20.47 31.26 2.26
CA PHE B 388 -20.98 31.77 3.52
C PHE B 388 -22.50 31.72 3.51
N SER B 389 -23.10 31.49 4.66
CA SER B 389 -24.56 31.40 4.69
C SER B 389 -25.24 32.77 4.64
N GLN B 390 -24.50 33.86 4.63
CA GLN B 390 -25.08 35.19 4.74
C GLN B 390 -25.11 35.87 3.38
N GLU B 391 -25.87 36.96 3.30
CA GLU B 391 -26.06 37.70 2.07
C GLU B 391 -25.30 39.02 2.14
N ILE B 392 -24.53 39.31 1.09
CA ILE B 392 -23.70 40.50 1.04
C ILE B 392 -24.42 41.53 0.17
N THR B 393 -24.14 42.80 0.41
CA THR B 393 -24.71 43.89 -0.34
C THR B 393 -23.68 44.42 -1.34
N VAL B 394 -24.12 45.36 -2.18
CA VAL B 394 -23.25 45.92 -3.21
C VAL B 394 -22.16 46.81 -2.60
N ASP B 395 -22.48 47.51 -1.51
CA ASP B 395 -21.53 48.43 -0.90
C ASP B 395 -20.45 47.70 -0.10
N ASP B 396 -20.73 46.48 0.35
CA ASP B 396 -19.78 45.71 1.14
C ASP B 396 -18.79 44.93 0.29
N ILE B 397 -18.99 44.87 -1.03
CA ILE B 397 -17.98 44.25 -1.87
C ILE B 397 -17.00 45.35 -2.29
N GLU B 398 -16.17 45.77 -1.36
CA GLU B 398 -14.91 46.45 -1.63
C GLU B 398 -13.95 45.96 -0.56
N LEU B 399 -14.55 45.55 0.55
CA LEU B 399 -13.86 45.38 1.81
C LEU B 399 -13.88 43.94 2.30
N ALA B 400 -14.82 43.13 1.83
CA ALA B 400 -14.84 41.71 2.17
C ALA B 400 -13.86 40.91 1.32
N SER B 401 -13.46 41.43 0.16
CA SER B 401 -12.47 40.76 -0.67
C SER B 401 -11.04 41.07 -0.26
N TRP B 402 -10.81 42.18 0.46
CA TRP B 402 -9.53 42.40 1.09
C TRP B 402 -9.43 41.74 2.45
N GLY B 403 -10.58 41.48 3.09
CA GLY B 403 -10.58 40.72 4.31
C GLY B 403 -10.29 39.25 4.10
N LEU B 404 -10.59 38.72 2.91
CA LEU B 404 -10.30 37.32 2.63
C LEU B 404 -8.83 37.11 2.26
N ARG B 405 -8.30 37.90 1.34
CA ARG B 405 -6.91 37.72 0.96
C ARG B 405 -5.96 38.19 2.05
N GLY B 406 -6.43 38.99 3.01
CA GLY B 406 -5.63 39.24 4.18
C GLY B 406 -5.68 38.15 5.22
N ALA B 407 -6.50 37.12 4.99
CA ALA B 407 -6.52 35.95 5.85
C ALA B 407 -5.64 34.82 5.34
N ILE B 408 -5.31 34.83 4.05
CA ILE B 408 -4.45 33.81 3.49
C ILE B 408 -3.00 34.27 3.43
N ALA B 409 -2.76 35.53 3.03
CA ALA B 409 -1.41 36.00 2.72
C ALA B 409 -0.44 36.04 3.90
N PRO B 410 -0.76 36.58 5.09
CA PRO B 410 0.27 36.58 6.15
C PRO B 410 0.54 35.21 6.72
N ILE B 411 -0.36 34.25 6.54
CA ILE B 411 -0.11 32.89 7.00
C ILE B 411 0.68 32.10 5.97
N ARG B 412 0.31 32.28 4.69
CA ARG B 412 0.95 31.55 3.56
C ARG B 412 2.36 32.05 3.29
N ASN B 413 2.68 33.30 3.66
CA ASN B 413 4.00 33.84 3.39
C ASN B 413 5.02 33.40 4.44
N GLU B 414 4.56 33.23 5.69
CA GLU B 414 5.41 32.76 6.81
C GLU B 414 5.82 31.29 6.63
N ILE B 415 4.86 30.44 6.25
CA ILE B 415 5.05 28.96 6.10
C ILE B 415 6.02 28.58 4.96
N ILE B 416 5.92 29.26 3.81
CA ILE B 416 6.74 28.91 2.61
C ILE B 416 8.24 29.04 2.89
N HIS B 417 8.65 30.09 3.61
CA HIS B 417 10.06 30.38 3.88
C HIS B 417 10.66 29.30 4.77
N LEU B 418 11.66 28.59 4.25
CA LEU B 418 12.31 27.51 4.97
C LEU B 418 13.24 28.04 6.05
N LYS B 419 12.68 28.33 7.22
CA LYS B 419 13.45 28.90 8.32
C LYS B 419 12.79 28.46 9.62
N LYS B 420 13.23 29.05 10.74
CA LYS B 420 12.63 28.77 12.04
C LYS B 420 11.28 29.45 12.16
N HIS B 421 10.28 28.69 12.58
CA HIS B 421 8.91 29.17 12.74
C HIS B 421 8.64 29.48 14.20
N SER B 422 7.83 30.52 14.43
CA SER B 422 7.19 30.74 15.72
C SER B 422 5.69 30.51 15.50
N TRP B 423 5.17 29.45 16.10
CA TRP B 423 3.78 29.07 15.81
C TRP B 423 2.80 29.89 16.63
N LYS B 424 3.24 30.46 17.75
CA LYS B 424 2.58 31.65 18.26
C LYS B 424 3.12 32.84 17.48
N LYS B 425 2.26 33.85 17.28
CA LYS B 425 2.34 34.90 16.26
C LYS B 425 2.30 34.33 14.85
N PHE B 426 1.69 33.17 14.65
CA PHE B 426 1.41 32.63 13.33
C PHE B 426 -0.08 32.59 13.05
N PHE B 427 -0.90 32.67 14.09
CA PHE B 427 -2.34 32.48 14.05
C PHE B 427 -3.07 33.64 14.72
N ASN B 428 -2.47 34.83 14.76
CA ASN B 428 -3.14 35.98 15.38
C ASN B 428 -3.91 36.77 14.33
N ASN B 429 -3.18 37.38 13.38
CA ASN B 429 -3.62 38.22 12.28
C ASN B 429 -4.72 39.21 12.64
N PRO B 430 -4.41 40.27 13.40
CA PRO B 430 -5.48 41.19 13.80
C PRO B 430 -5.95 42.07 12.67
N THR B 431 -5.06 42.46 11.77
CA THR B 431 -5.33 43.51 10.79
C THR B 431 -5.30 42.93 9.38
N PHE B 432 -5.73 43.76 8.43
CA PHE B 432 -5.50 43.52 7.02
C PHE B 432 -5.49 44.85 6.32
N LYS B 433 -4.68 44.97 5.28
CA LYS B 433 -4.50 46.24 4.58
C LYS B 433 -5.40 46.32 3.36
N VAL B 434 -5.89 47.53 3.10
CA VAL B 434 -6.71 47.84 1.94
C VAL B 434 -6.05 49.01 1.24
N LYS B 435 -5.50 48.78 0.05
CA LYS B 435 -4.97 49.87 -0.74
C LYS B 435 -5.92 50.17 -1.89
N LYS B 436 -5.80 51.37 -2.43
CA LYS B 436 -6.66 51.81 -3.53
C LYS B 436 -5.84 52.55 -4.58
N THR B 448 -3.17 53.25 1.60
CA THR B 448 -3.39 52.04 2.39
C THR B 448 -4.08 52.38 3.70
N SER B 449 -5.03 51.53 4.11
CA SER B 449 -5.80 51.77 5.34
C SER B 449 -6.01 50.43 6.03
N GLU B 450 -5.24 50.16 7.07
CA GLU B 450 -5.34 48.88 7.76
C GLU B 450 -6.58 48.82 8.63
N PHE B 451 -7.44 47.84 8.36
CA PHE B 451 -8.64 47.58 9.12
C PHE B 451 -8.39 46.39 10.05
N LEU B 452 -8.98 46.47 11.23
CA LEU B 452 -9.02 45.32 12.12
C LEU B 452 -10.02 44.30 11.60
N TYR B 453 -9.95 43.09 12.14
CA TYR B 453 -10.98 42.09 11.87
C TYR B 453 -12.10 42.12 12.90
N LYS B 454 -11.82 42.66 14.10
CA LYS B 454 -12.81 42.74 15.20
C LYS B 454 -13.95 43.70 14.83
N GLU B 455 -13.61 44.86 14.24
CA GLU B 455 -14.61 45.90 13.91
C GLU B 455 -15.13 45.73 12.48
N THR B 456 -14.63 44.71 11.77
CA THR B 456 -15.02 44.43 10.36
C THR B 456 -16.36 43.70 10.29
N LEU B 457 -16.89 43.55 9.07
CA LEU B 457 -18.18 42.88 8.74
C LEU B 457 -18.16 41.40 9.14
N PHE B 458 -16.99 40.77 9.07
CA PHE B 458 -16.78 39.31 9.37
C PHE B 458 -17.11 38.94 10.83
N LYS B 459 -17.05 39.88 11.78
CA LYS B 459 -17.33 39.55 13.20
C LYS B 459 -18.74 38.97 13.35
N ASP B 460 -19.75 39.54 12.68
CA ASP B 460 -21.09 38.98 12.80
C ASP B 460 -21.24 37.64 12.11
N TYR B 461 -20.22 37.16 11.40
CA TYR B 461 -20.22 35.81 10.84
C TYR B 461 -19.67 34.80 11.84
N PHE B 462 -19.64 35.13 13.12
CA PHE B 462 -19.20 34.25 14.19
C PHE B 462 -20.25 34.04 15.26
N TYR B 463 -20.91 35.09 15.68
CA TYR B 463 -21.90 34.95 16.72
C TYR B 463 -23.27 34.70 16.11
N SER B 464 -23.35 34.67 14.79
CA SER B 464 -24.40 33.97 14.08
C SER B 464 -23.95 32.57 13.69
N GLU B 465 -22.75 32.18 14.10
CA GLU B 465 -22.12 30.93 13.68
C GLU B 465 -21.74 30.04 14.87
N LEU B 466 -21.11 30.61 15.90
CA LEU B 466 -20.79 29.88 17.11
C LEU B 466 -22.02 29.62 17.96
N ASP B 467 -23.04 30.47 17.83
CA ASP B 467 -24.25 30.33 18.63
C ASP B 467 -25.30 29.48 17.95
N SER B 468 -25.06 29.07 16.70
CA SER B 468 -25.97 28.19 15.99
C SER B 468 -25.52 26.74 16.01
N VAL B 469 -24.49 26.43 16.79
CA VAL B 469 -24.01 25.05 16.97
C VAL B 469 -25.08 24.12 17.57
N PRO B 470 -25.88 24.49 18.58
CA PRO B 470 -26.94 23.56 19.01
C PRO B 470 -28.06 23.33 18.00
N GLU B 471 -28.27 24.20 17.01
CA GLU B 471 -29.28 23.91 16.00
C GLU B 471 -28.73 23.26 14.74
N LEU B 472 -27.42 23.35 14.50
CA LEU B 472 -26.82 22.55 13.44
C LEU B 472 -26.83 21.08 13.78
N ILE B 473 -26.71 20.75 15.07
CA ILE B 473 -26.79 19.37 15.51
C ILE B 473 -28.21 18.84 15.33
N ILE B 474 -29.21 19.67 15.66
CA ILE B 474 -30.60 19.24 15.52
C ILE B 474 -30.98 19.14 14.05
N ASN B 475 -30.56 20.10 13.23
CA ASN B 475 -30.89 20.04 11.81
C ASN B 475 -30.07 19.02 11.04
N LYS B 476 -28.92 18.62 11.60
CA LYS B 476 -28.11 17.52 11.00
C LYS B 476 -28.81 16.19 11.27
N MET B 477 -29.38 16.05 12.46
CA MET B 477 -30.09 14.81 12.92
C MET B 477 -31.33 14.56 12.06
N GLU B 478 -32.08 15.62 11.72
CA GLU B 478 -33.31 15.50 10.90
C GLU B 478 -32.95 14.95 9.52
N SER B 479 -31.82 15.39 8.96
CA SER B 479 -31.36 14.97 7.61
C SER B 479 -31.13 13.45 7.59
N SER B 480 -30.59 12.89 8.66
CA SER B 480 -30.30 11.43 8.76
C SER B 480 -31.51 10.66 9.32
N LYS B 481 -32.60 11.38 9.60
CA LYS B 481 -33.89 10.84 10.15
C LYS B 481 -33.68 10.21 11.52
N ILE B 482 -32.75 10.75 12.31
CA ILE B 482 -32.48 10.22 13.69
C ILE B 482 -33.72 10.46 14.56
N LEU B 483 -34.34 11.64 14.42
CA LEU B 483 -35.53 12.03 15.21
C LEU B 483 -36.71 11.10 14.91
N ASP B 484 -36.87 10.71 13.65
CA ASP B 484 -37.98 9.82 13.21
C ASP B 484 -37.88 8.45 13.89
N TYR B 485 -36.66 7.95 14.09
CA TYR B 485 -36.44 6.62 14.63
C TYR B 485 -36.07 6.60 16.09
N TYR B 486 -36.10 7.74 16.78
CA TYR B 486 -35.79 7.78 18.20
C TYR B 486 -36.63 8.86 18.88
N SER B 487 -36.99 8.60 20.13
CA SER B 487 -37.84 9.52 20.89
C SER B 487 -37.01 10.66 21.45
N SER B 488 -37.71 11.76 21.76
CA SER B 488 -37.05 12.97 22.24
C SER B 488 -36.44 12.80 23.63
N ASP B 489 -36.99 11.91 24.45
CA ASP B 489 -36.41 11.62 25.74
C ASP B 489 -35.21 10.70 25.65
N GLN B 490 -34.99 10.08 24.49
CA GLN B 490 -33.84 9.21 24.25
C GLN B 490 -32.70 9.93 23.56
N LEU B 491 -32.79 11.23 23.35
CA LEU B 491 -31.67 12.01 22.87
C LEU B 491 -31.21 13.04 23.89
N ASN B 492 -31.99 13.28 24.93
CA ASN B 492 -31.55 14.15 26.00
C ASN B 492 -30.48 13.49 26.86
N GLN B 493 -30.49 12.17 26.98
CA GLN B 493 -29.52 11.47 27.81
C GLN B 493 -28.28 11.08 27.05
N VAL B 494 -28.05 11.64 25.88
CA VAL B 494 -26.81 11.43 25.14
C VAL B 494 -26.02 12.72 25.01
N PHE B 495 -26.62 13.83 25.47
CA PHE B 495 -25.95 15.16 25.48
C PHE B 495 -25.89 15.69 26.91
N THR B 496 -26.56 15.01 27.85
CA THR B 496 -26.64 15.46 29.27
C THR B 496 -25.70 14.65 30.17
N ILE B 497 -24.86 13.79 29.59
CA ILE B 497 -23.91 12.95 30.38
C ILE B 497 -22.91 13.86 31.11
N PRO B 498 -22.49 13.57 32.36
CA PRO B 498 -21.50 14.40 33.05
C PRO B 498 -20.14 14.27 32.36
N ASN B 499 -19.34 15.35 32.36
CA ASN B 499 -17.99 15.49 31.75
C ASN B 499 -18.06 15.60 30.21
N PHE B 500 -18.62 14.60 29.52
CA PHE B 500 -18.75 14.69 28.03
C PHE B 500 -19.68 15.87 27.73
N GLU B 501 -19.38 16.68 26.72
CA GLU B 501 -20.23 17.86 26.52
C GLU B 501 -20.13 18.42 25.12
N LEU B 502 -20.11 17.55 24.09
CA LEU B 502 -20.31 17.92 22.68
C LEU B 502 -19.26 18.92 22.21
N SER B 503 -18.04 18.43 22.10
CA SER B 503 -16.94 19.31 21.71
C SER B 503 -16.79 19.34 20.20
N LEU B 504 -16.29 20.47 19.70
CA LEU B 504 -15.89 20.60 18.31
C LEU B 504 -14.55 19.96 18.04
N LEU B 505 -13.78 19.66 19.08
CA LEU B 505 -12.57 18.87 18.94
C LEU B 505 -12.93 17.42 18.64
N THR B 506 -12.10 16.75 17.84
CA THR B 506 -12.31 15.33 17.63
C THR B 506 -11.34 14.49 18.44
N SER B 507 -10.03 14.59 18.20
CA SER B 507 -9.11 13.74 18.93
C SER B 507 -7.76 14.41 19.10
N ALA B 508 -7.23 14.30 20.32
CA ALA B 508 -5.95 14.93 20.71
C ALA B 508 -4.79 13.92 20.57
N VAL B 509 -5.07 12.74 20.03
CA VAL B 509 -4.02 11.68 19.88
C VAL B 509 -3.81 11.39 18.40
N PRO B 510 -2.55 11.27 17.91
CA PRO B 510 -2.29 10.95 16.51
C PRO B 510 -2.66 9.49 16.20
N PHE B 511 -2.96 9.21 14.93
CA PHE B 511 -3.35 7.86 14.42
C PHE B 511 -4.63 7.33 15.06
N ALA B 512 -5.59 8.22 15.37
CA ALA B 512 -6.90 7.78 15.90
C ALA B 512 -7.72 7.31 14.70
N PRO B 513 -8.40 6.14 14.75
CA PRO B 513 -9.15 5.62 13.61
C PRO B 513 -10.35 6.48 13.28
N SER B 514 -10.93 6.21 12.12
CA SER B 514 -12.22 6.80 11.82
C SER B 514 -13.33 5.87 12.29
N PHE B 515 -14.57 6.37 12.22
CA PHE B 515 -15.70 5.61 12.76
C PHE B 515 -16.04 4.41 11.89
N LYS B 516 -15.96 4.54 10.57
CA LYS B 516 -16.31 3.41 9.73
C LYS B 516 -15.28 2.29 9.78
N ARG B 517 -14.01 2.61 10.06
CA ARG B 517 -13.05 1.56 10.38
C ARG B 517 -13.39 0.91 11.72
N VAL B 518 -13.87 1.67 12.68
CA VAL B 518 -14.20 1.11 13.98
C VAL B 518 -15.49 0.30 13.91
N TYR B 519 -16.51 0.81 13.25
CA TYR B 519 -17.79 0.11 13.26
C TYR B 519 -17.77 -1.15 12.40
N LEU B 520 -17.09 -1.10 11.25
CA LEU B 520 -17.05 -2.28 10.39
C LEU B 520 -16.17 -3.37 10.98
N LYS B 521 -15.02 -3.00 11.56
CA LYS B 521 -14.15 -4.01 12.12
C LYS B 521 -14.62 -4.46 13.49
N GLY B 522 -15.34 -3.60 14.21
CA GLY B 522 -15.94 -4.04 15.45
C GLY B 522 -17.05 -5.03 15.25
N PHE B 523 -17.74 -4.97 14.09
CA PHE B 523 -18.68 -6.00 13.69
C PHE B 523 -17.98 -7.33 13.47
N ASP B 524 -16.72 -7.29 13.04
CA ASP B 524 -15.98 -8.50 12.72
C ASP B 524 -15.51 -9.25 13.96
N TYR B 525 -15.34 -8.58 15.09
CA TYR B 525 -14.94 -9.26 16.32
C TYR B 525 -16.12 -9.75 17.12
N GLN B 526 -17.28 -9.10 17.01
CA GLN B 526 -18.45 -9.56 17.74
C GLN B 526 -19.08 -10.76 17.05
N ASN B 527 -19.27 -10.66 15.74
CA ASN B 527 -19.90 -11.74 14.99
C ASN B 527 -18.81 -12.60 14.36
N GLN B 528 -18.63 -13.79 14.93
CA GLN B 528 -17.48 -14.65 14.66
C GLN B 528 -17.98 -16.08 14.69
N ASP B 529 -17.24 -16.97 14.00
CA ASP B 529 -17.69 -18.34 13.74
C ASP B 529 -17.87 -19.19 14.99
N GLU B 530 -17.19 -18.85 16.09
CA GLU B 530 -17.36 -19.49 17.42
C GLU B 530 -17.04 -20.98 17.38
N ALA B 531 -16.00 -21.36 16.64
CA ALA B 531 -15.63 -22.75 16.48
C ALA B 531 -14.19 -23.07 16.85
N GLN B 532 -13.41 -22.08 17.26
CA GLN B 532 -11.98 -22.23 17.48
C GLN B 532 -11.63 -21.72 18.88
N PRO B 533 -10.33 -21.71 19.31
CA PRO B 533 -9.98 -20.95 20.53
C PRO B 533 -10.20 -19.45 20.37
N ASP B 534 -11.44 -19.05 20.67
CA ASP B 534 -11.98 -17.72 20.37
C ASP B 534 -11.15 -16.60 20.97
N TYR B 535 -10.98 -15.53 20.19
CA TYR B 535 -10.32 -14.29 20.62
C TYR B 535 -11.41 -13.31 21.04
N ASN B 536 -12.05 -13.64 22.16
CA ASN B 536 -13.27 -12.95 22.59
C ASN B 536 -12.92 -11.59 23.18
N LEU B 537 -13.45 -10.53 22.58
CA LEU B 537 -13.26 -9.19 23.11
C LEU B 537 -14.42 -8.69 23.95
N LYS B 538 -15.47 -9.51 24.14
CA LYS B 538 -16.65 -9.22 24.95
C LYS B 538 -17.39 -7.97 24.48
N LEU B 539 -17.87 -8.04 23.24
CA LEU B 539 -18.51 -6.94 22.54
C LEU B 539 -20.00 -7.17 22.39
N ASN B 540 -20.77 -6.09 22.36
CA ASN B 540 -22.22 -6.23 22.31
C ASN B 540 -22.97 -5.25 21.42
N ILE B 541 -22.35 -4.19 20.89
CA ILE B 541 -23.11 -3.15 20.18
C ILE B 541 -22.85 -3.14 18.69
N TYR B 542 -21.88 -3.88 18.20
CA TYR B 542 -21.57 -3.86 16.77
C TYR B 542 -22.46 -4.91 16.12
N ASN B 543 -23.71 -4.52 15.91
CA ASN B 543 -24.83 -5.43 15.76
C ASN B 543 -25.22 -5.71 14.33
N GLU B 544 -25.28 -4.68 13.47
CA GLU B 544 -25.84 -4.84 12.14
C GLU B 544 -24.91 -4.20 11.11
N LYS B 545 -25.17 -4.52 9.84
CA LYS B 545 -24.39 -3.97 8.74
C LYS B 545 -25.31 -3.69 7.54
N ALA B 546 -26.62 -3.60 7.76
CA ALA B 546 -27.60 -3.52 6.68
C ALA B 546 -27.72 -2.08 6.19
N PHE B 547 -26.78 -1.67 5.35
CA PHE B 547 -26.71 -0.28 4.91
C PHE B 547 -27.83 0.13 3.95
N ASN B 548 -28.58 -0.82 3.42
CA ASN B 548 -29.66 -0.49 2.52
C ASN B 548 -31.02 -0.52 3.20
N SER B 549 -31.03 -0.45 4.53
CA SER B 549 -32.22 -0.19 5.32
C SER B 549 -32.21 1.27 5.75
N GLU B 550 -33.28 1.70 6.42
CA GLU B 550 -33.32 3.05 6.96
C GLU B 550 -33.40 3.08 8.48
N ALA B 551 -33.77 1.97 9.13
CA ALA B 551 -33.61 1.90 10.57
C ALA B 551 -32.15 1.74 10.94
N PHE B 552 -31.38 1.02 10.11
CA PHE B 552 -29.94 0.93 10.36
C PHE B 552 -29.24 2.24 10.05
N GLN B 553 -29.72 2.96 9.03
CA GLN B 553 -29.06 4.20 8.63
C GLN B 553 -29.30 5.30 9.66
N ALA B 554 -30.29 5.15 10.54
CA ALA B 554 -30.47 6.07 11.65
C ALA B 554 -29.55 5.74 12.81
N GLN B 555 -29.30 4.46 13.07
CA GLN B 555 -28.44 4.14 14.20
C GLN B 555 -26.97 4.25 13.83
N TYR B 556 -26.61 4.08 12.57
CA TYR B 556 -25.24 4.27 12.14
C TYR B 556 -24.86 5.74 12.22
N SER B 557 -25.81 6.61 11.94
CA SER B 557 -25.56 8.05 12.00
C SER B 557 -25.62 8.58 13.42
N LEU B 558 -26.34 7.92 14.32
CA LEU B 558 -26.36 8.37 15.71
C LEU B 558 -25.11 7.88 16.43
N PHE B 559 -24.65 6.67 16.13
CA PHE B 559 -23.35 6.20 16.62
C PHE B 559 -22.20 7.00 16.06
N LYS B 560 -22.35 7.59 14.87
CA LYS B 560 -21.24 8.34 14.27
C LYS B 560 -20.96 9.62 15.03
N MET B 561 -21.98 10.30 15.52
CA MET B 561 -21.78 11.57 16.18
C MET B 561 -21.77 11.48 17.70
N VAL B 562 -22.11 10.30 18.24
CA VAL B 562 -21.87 10.11 19.70
C VAL B 562 -20.34 9.95 19.81
N TYR B 563 -19.77 9.18 18.89
CA TYR B 563 -18.32 8.85 18.82
C TYR B 563 -17.43 10.06 18.49
N TYR B 564 -17.77 10.82 17.44
CA TYR B 564 -16.94 11.98 17.03
C TYR B 564 -17.10 13.21 17.95
N GLN B 565 -18.34 13.56 18.28
CA GLN B 565 -18.62 14.82 19.04
C GLN B 565 -18.61 14.63 20.55
N VAL B 566 -18.65 13.39 21.05
CA VAL B 566 -18.67 13.24 22.54
C VAL B 566 -17.56 12.31 23.04
N PHE B 567 -17.52 11.08 22.53
CA PHE B 567 -16.57 10.04 22.99
C PHE B 567 -15.08 10.34 22.72
N LEU B 568 -14.73 10.81 21.52
CA LEU B 568 -13.29 11.00 21.16
C LEU B 568 -12.60 12.05 22.03
N PRO B 569 -13.20 13.23 22.32
CA PRO B 569 -12.53 14.24 23.14
C PRO B 569 -12.20 13.78 24.57
N GLN B 570 -13.11 13.03 25.20
CA GLN B 570 -12.92 12.55 26.59
C GLN B 570 -11.97 11.34 26.68
N PHE B 571 -12.15 10.36 25.79
CA PHE B 571 -11.39 9.08 25.76
C PHE B 571 -9.91 9.30 25.46
N THR B 572 -9.61 10.34 24.67
CA THR B 572 -8.28 10.64 24.16
C THR B 572 -7.51 11.49 25.16
N THR B 573 -8.18 12.04 26.17
CA THR B 573 -7.49 12.83 27.17
C THR B 573 -7.60 12.26 28.59
N ASN B 574 -8.47 11.28 28.84
CA ASN B 574 -8.43 10.60 30.12
C ASN B 574 -7.31 9.57 30.16
N ASN B 575 -6.40 9.72 31.13
CA ASN B 575 -5.32 8.72 31.29
C ASN B 575 -5.96 7.40 31.70
N ASP B 576 -6.91 7.45 32.65
CA ASP B 576 -7.58 6.24 33.19
C ASP B 576 -8.44 5.55 32.11
N LEU B 577 -9.21 6.32 31.35
CA LEU B 577 -10.13 5.74 30.32
C LEU B 577 -9.34 5.02 29.23
N PHE B 578 -8.29 5.66 28.71
CA PHE B 578 -7.45 5.09 27.63
C PHE B 578 -6.65 3.87 28.12
N LYS B 579 -6.04 3.98 29.31
CA LYS B 579 -5.20 2.88 29.87
C LYS B 579 -6.05 1.64 30.14
N SER B 580 -7.26 1.83 30.67
CA SER B 580 -8.15 0.72 30.97
C SER B 580 -8.58 -0.03 29.73
N SER B 581 -8.56 0.61 28.56
CA SER B 581 -8.81 -0.08 27.31
C SER B 581 -7.55 -0.68 26.72
N VAL B 582 -6.38 -0.07 26.95
CA VAL B 582 -5.12 -0.65 26.49
C VAL B 582 -4.78 -1.88 27.31
N ASP B 583 -5.01 -1.83 28.62
CA ASP B 583 -4.73 -2.97 29.49
C ASP B 583 -5.65 -4.15 29.24
N PHE B 584 -6.85 -3.93 28.70
CA PHE B 584 -7.69 -5.06 28.33
C PHE B 584 -7.14 -5.77 27.10
N ILE B 585 -6.67 -5.01 26.11
CA ILE B 585 -6.24 -5.58 24.85
C ILE B 585 -4.92 -6.31 24.99
N LEU B 586 -4.03 -5.83 25.87
CA LEU B 586 -2.77 -6.52 26.08
C LEU B 586 -2.97 -7.82 26.84
N THR B 587 -3.77 -7.80 27.90
CA THR B 587 -3.99 -9.04 28.63
C THR B 587 -4.96 -9.97 27.91
N LEU B 588 -5.69 -9.50 26.92
CA LEU B 588 -6.47 -10.44 26.11
C LEU B 588 -5.57 -11.20 25.16
N ASN B 589 -4.46 -10.61 24.74
CA ASN B 589 -3.61 -11.25 23.75
C ASN B 589 -2.58 -12.17 24.40
N LYS B 590 -1.83 -11.69 25.40
CA LYS B 590 -0.77 -12.54 25.94
C LYS B 590 -1.22 -13.36 27.14
N GLU B 591 -2.39 -13.98 27.06
CA GLU B 591 -2.87 -14.87 28.12
C GLU B 591 -3.50 -16.11 27.50
N ARG B 592 -2.83 -16.71 26.54
CA ARG B 592 -3.27 -17.97 25.97
C ARG B 592 -2.06 -18.81 25.60
N LYS B 593 -2.31 -20.08 25.30
CA LYS B 593 -1.24 -21.05 25.13
C LYS B 593 -0.53 -20.87 23.79
N GLY B 594 0.79 -20.94 23.83
CA GLY B 594 1.61 -20.84 22.65
C GLY B 594 2.56 -19.66 22.71
N TYR B 595 3.49 -19.64 21.76
CA TYR B 595 4.44 -18.54 21.66
C TYR B 595 4.06 -17.54 20.59
N ALA B 596 3.21 -17.92 19.65
CA ALA B 596 2.80 -17.07 18.54
C ALA B 596 1.73 -16.11 19.03
N LYS B 597 2.16 -14.95 19.49
CA LYS B 597 1.28 -13.91 20.01
C LYS B 597 1.76 -12.56 19.49
N ALA B 598 0.83 -11.81 18.88
CA ALA B 598 1.22 -10.69 18.04
C ALA B 598 1.64 -9.44 18.79
N PHE B 599 1.01 -9.12 19.92
CA PHE B 599 1.28 -7.85 20.60
C PHE B 599 2.29 -8.16 21.72
N GLN B 600 3.32 -8.90 21.37
CA GLN B 600 4.26 -9.44 22.33
C GLN B 600 5.32 -8.44 22.74
N ASP B 601 5.79 -7.64 21.79
CA ASP B 601 6.91 -6.73 22.01
C ASP B 601 6.50 -5.28 22.11
N ILE B 602 5.25 -4.98 22.46
CA ILE B 602 4.86 -3.58 22.65
C ILE B 602 4.47 -3.39 24.11
N ARG B 603 4.95 -2.30 24.70
CA ARG B 603 4.96 -2.16 26.14
C ARG B 603 3.59 -1.71 26.65
N LYS B 604 3.43 -1.83 27.96
CA LYS B 604 2.19 -1.46 28.61
C LYS B 604 2.24 0.00 29.03
N MET B 605 1.09 0.65 29.00
CA MET B 605 1.00 2.09 29.24
C MET B 605 1.28 2.41 30.70
N ASN B 606 2.18 3.36 30.94
CA ASN B 606 2.55 3.72 32.29
C ASN B 606 1.43 4.53 32.95
N LYS B 607 1.47 4.58 34.28
CA LYS B 607 0.55 5.46 34.98
C LYS B 607 1.08 6.88 34.96
N ASP B 608 0.15 7.83 35.05
CA ASP B 608 0.38 9.27 34.87
C ASP B 608 1.04 9.56 33.53
N GLU B 609 0.62 8.81 32.52
CA GLU B 609 1.07 8.99 31.14
C GLU B 609 -0.13 9.43 30.33
N LYS B 610 0.03 10.51 29.58
CA LYS B 610 -1.07 11.00 28.76
C LYS B 610 -1.28 10.07 27.57
N PRO B 611 -2.53 9.95 27.09
CA PRO B 611 -2.77 9.10 25.92
C PRO B 611 -2.09 9.57 24.65
N SER B 612 -1.78 10.86 24.54
CA SER B 612 -1.03 11.36 23.41
C SER B 612 0.44 10.99 23.46
N GLU B 613 0.95 10.61 24.63
CA GLU B 613 2.33 10.18 24.76
C GLU B 613 2.51 8.68 24.58
N TYR B 614 1.44 7.92 24.78
CA TYR B 614 1.48 6.50 24.47
C TYR B 614 1.32 6.25 22.99
N MET B 615 0.41 6.94 22.33
CA MET B 615 0.22 6.76 20.91
C MET B 615 1.27 7.47 20.07
N SER B 616 2.05 8.37 20.68
CA SER B 616 3.24 8.87 20.00
C SER B 616 4.34 7.83 19.98
N TYR B 617 4.32 6.90 20.93
CA TYR B 617 5.17 5.72 20.90
C TYR B 617 4.69 4.71 19.88
N ILE B 618 3.37 4.52 19.77
CA ILE B 618 2.81 3.57 18.80
C ILE B 618 3.00 4.09 17.39
N GLN B 619 2.93 5.41 17.20
CA GLN B 619 3.29 6.03 15.94
C GLN B 619 4.75 5.79 15.60
N SER B 620 5.65 5.94 16.56
CA SER B 620 7.06 5.82 16.24
C SER B 620 7.45 4.36 15.99
N GLN B 621 6.81 3.40 16.65
CA GLN B 621 7.12 2.01 16.37
C GLN B 621 6.54 1.57 15.04
N LEU B 622 5.44 2.19 14.61
CA LEU B 622 4.80 1.82 13.35
C LEU B 622 5.64 2.25 12.16
N MET B 623 6.40 3.31 12.30
CA MET B 623 7.17 3.84 11.19
C MET B 623 8.59 3.35 11.17
N LEU B 624 9.13 2.93 12.31
CA LEU B 624 10.47 2.36 12.32
C LEU B 624 10.48 0.96 11.78
N TYR B 625 9.39 0.22 11.95
CA TYR B 625 9.31 -1.18 11.53
C TYR B 625 8.64 -1.35 10.17
N GLN B 626 8.49 -0.29 9.39
CA GLN B 626 7.83 -0.39 8.10
C GLN B 626 8.71 -1.01 7.02
N LYS B 627 10.02 -0.76 7.03
CA LYS B 627 10.90 -1.43 6.08
C LYS B 627 11.03 -2.92 6.37
N LYS B 628 11.13 -3.29 7.64
CA LYS B 628 11.29 -4.68 8.01
C LYS B 628 10.02 -5.48 7.77
N GLN B 629 8.85 -4.87 7.95
CA GLN B 629 7.60 -5.56 7.68
C GLN B 629 7.29 -5.71 6.20
N GLU B 630 8.08 -5.12 5.31
CA GLU B 630 7.86 -5.26 3.89
C GLU B 630 8.96 -6.02 3.18
N GLU B 631 10.07 -6.28 3.85
CA GLU B 631 11.01 -7.28 3.37
C GLU B 631 10.36 -8.66 3.34
N LYS B 632 9.84 -9.08 4.46
CA LYS B 632 9.06 -10.31 4.55
C LYS B 632 7.58 -9.96 4.54
N GLU B 633 6.76 -10.86 4.01
CA GLU B 633 5.35 -10.55 3.85
C GLU B 633 4.62 -10.62 5.18
N LYS B 634 4.73 -9.57 5.97
CA LYS B 634 4.20 -9.53 7.32
C LYS B 634 3.05 -8.53 7.36
N ILE B 635 2.03 -8.83 8.16
CA ILE B 635 0.92 -7.89 8.29
C ILE B 635 1.27 -6.82 9.31
N ASN B 636 0.57 -5.70 9.22
CA ASN B 636 0.78 -4.58 10.12
C ASN B 636 -0.01 -4.86 11.39
N HIS B 637 0.66 -5.41 12.39
CA HIS B 637 -0.02 -5.73 13.64
C HIS B 637 -0.30 -4.49 14.48
N PHE B 638 0.37 -3.37 14.20
CA PHE B 638 0.05 -2.12 14.85
C PHE B 638 -1.26 -1.53 14.38
N GLU B 639 -1.71 -1.87 13.18
CA GLU B 639 -2.95 -1.33 12.68
C GLU B 639 -4.13 -2.05 13.31
N LYS B 640 -4.00 -3.34 13.59
CA LYS B 640 -5.06 -4.06 14.28
C LYS B 640 -4.96 -3.98 15.79
N PHE B 641 -3.86 -3.45 16.33
CA PHE B 641 -3.79 -3.05 17.72
C PHE B 641 -4.53 -1.76 17.99
N ILE B 642 -4.36 -0.77 17.11
CA ILE B 642 -5.06 0.50 17.24
C ILE B 642 -6.55 0.32 17.04
N ASN B 643 -6.95 -0.69 16.25
CA ASN B 643 -8.35 -1.02 16.10
C ASN B 643 -8.97 -1.46 17.41
N GLN B 644 -8.42 -2.51 18.02
CA GLN B 644 -9.06 -3.17 19.15
C GLN B 644 -9.10 -2.29 20.40
N VAL B 645 -8.15 -1.38 20.57
CA VAL B 645 -8.20 -0.43 21.67
C VAL B 645 -9.39 0.52 21.51
N PHE B 646 -9.64 0.96 20.29
CA PHE B 646 -10.74 1.89 20.04
C PHE B 646 -12.07 1.15 19.85
N ILE B 647 -12.03 -0.11 19.44
CA ILE B 647 -13.24 -0.91 19.36
C ILE B 647 -13.73 -1.26 20.75
N LYS B 648 -12.84 -1.70 21.63
CA LYS B 648 -13.21 -1.98 23.01
C LYS B 648 -13.49 -0.69 23.78
N GLY B 649 -12.87 0.41 23.38
CA GLY B 649 -13.07 1.67 24.08
C GLY B 649 -14.45 2.25 23.85
N PHE B 650 -14.95 2.19 22.62
CA PHE B 650 -16.27 2.74 22.34
C PHE B 650 -17.38 1.81 22.81
N ASN B 651 -17.09 0.55 23.09
CA ASN B 651 -18.11 -0.32 23.63
C ASN B 651 -18.25 -0.11 25.14
N SER B 652 -17.14 0.16 25.83
CA SER B 652 -17.22 0.38 27.27
C SER B 652 -17.86 1.71 27.60
N PHE B 653 -17.77 2.68 26.68
CA PHE B 653 -18.42 3.96 26.89
C PHE B 653 -19.94 3.83 26.83
N ILE B 654 -20.42 3.09 25.84
CA ILE B 654 -21.84 3.07 25.52
C ILE B 654 -22.61 2.12 26.44
N GLU B 655 -21.92 1.32 27.25
CA GLU B 655 -22.53 0.42 28.21
C GLU B 655 -22.39 0.85 29.66
N LYS B 656 -21.28 1.50 30.03
CA LYS B 656 -21.17 2.09 31.35
C LYS B 656 -22.18 3.22 31.52
N ASN B 657 -22.32 4.04 30.51
CA ASN B 657 -23.47 4.92 30.37
C ASN B 657 -24.60 4.09 29.78
N ARG B 658 -25.85 4.52 29.98
CA ARG B 658 -26.97 3.66 29.62
C ARG B 658 -27.39 3.80 28.16
N LEU B 659 -26.48 4.19 27.27
CA LEU B 659 -26.85 4.48 25.88
C LEU B 659 -26.81 3.24 25.00
N THR B 660 -27.38 2.12 25.45
CA THR B 660 -27.29 0.89 24.69
C THR B 660 -28.60 0.56 23.98
N TYR B 661 -29.58 1.45 24.06
CA TYR B 661 -30.80 1.37 23.27
C TYR B 661 -30.59 1.79 21.82
N ILE B 662 -29.44 2.36 21.49
CA ILE B 662 -29.18 2.87 20.15
C ILE B 662 -29.15 1.73 19.15
N CYS B 663 -28.76 0.55 19.60
CA CYS B 663 -28.82 -0.72 18.89
C CYS B 663 -30.27 -1.15 18.52
N HIS B 664 -31.32 -0.49 19.00
CA HIS B 664 -32.69 -0.84 18.69
C HIS B 664 -33.41 0.44 18.30
N PRO B 665 -33.49 0.76 17.00
CA PRO B 665 -34.14 1.99 16.57
C PRO B 665 -35.63 2.06 16.85
N THR B 666 -36.42 1.12 16.31
CA THR B 666 -37.87 1.00 16.53
C THR B 666 -38.63 2.26 16.14
N LYS B 667 -38.74 2.52 14.83
CA LYS B 667 -39.57 3.56 14.21
C LYS B 667 -40.91 3.76 14.90
N ASN B 668 -41.20 5.01 15.26
CA ASN B 668 -42.40 5.36 15.99
C ASN B 668 -43.40 6.08 15.10
N THR B 669 -44.67 6.05 15.52
CA THR B 669 -45.75 6.69 14.79
C THR B 669 -46.23 7.98 15.42
N VAL B 670 -46.18 8.08 16.75
CA VAL B 670 -46.66 9.26 17.48
C VAL B 670 -45.71 10.42 17.26
N PRO B 671 -46.19 11.54 16.71
CA PRO B 671 -45.31 12.70 16.51
C PRO B 671 -45.01 13.39 17.83
N GLU B 672 -43.72 13.52 18.13
CA GLU B 672 -43.26 14.16 19.35
C GLU B 672 -42.81 15.58 19.02
N ASN B 673 -43.60 16.56 19.45
CA ASN B 673 -43.27 17.96 19.24
C ASN B 673 -42.56 18.51 20.48
N ASP B 674 -41.48 17.82 20.84
CA ASP B 674 -40.69 18.13 22.02
C ASP B 674 -39.35 18.70 21.59
N ASN B 675 -38.72 19.45 22.49
CA ASN B 675 -37.44 20.07 22.19
C ASN B 675 -36.30 19.23 22.73
N ILE B 676 -35.19 19.26 22.01
CA ILE B 676 -33.96 18.59 22.41
C ILE B 676 -32.96 19.67 22.77
N GLU B 677 -32.77 19.88 24.05
CA GLU B 677 -31.82 20.88 24.55
C GLU B 677 -30.48 20.21 24.78
N ILE B 678 -29.43 20.75 24.19
CA ILE B 678 -28.07 20.25 24.39
C ILE B 678 -27.25 21.38 25.00
N PRO B 679 -26.34 21.07 25.91
CA PRO B 679 -25.42 22.11 26.41
C PRO B 679 -24.19 22.22 25.54
N PHE B 680 -23.68 23.44 25.43
CA PHE B 680 -22.52 23.72 24.59
C PHE B 680 -21.87 25.01 25.04
N HIS B 681 -20.55 24.98 25.24
CA HIS B 681 -19.79 26.18 25.53
C HIS B 681 -18.43 26.10 24.88
N THR B 682 -17.90 27.25 24.49
CA THR B 682 -16.63 27.35 23.79
C THR B 682 -16.00 28.68 24.17
N ASP B 683 -14.70 28.68 24.44
CA ASP B 683 -13.98 29.90 24.79
C ASP B 683 -13.14 30.45 23.64
N MET B 684 -13.65 30.39 22.41
CA MET B 684 -12.94 31.01 21.29
C MET B 684 -13.21 32.50 21.24
N ASP B 685 -12.16 33.29 21.45
CA ASP B 685 -12.21 34.74 21.35
C ASP B 685 -12.07 35.14 19.89
N ASP B 686 -12.25 36.42 19.60
CA ASP B 686 -12.22 36.89 18.21
C ASP B 686 -10.80 37.17 17.72
N SER B 687 -9.90 36.22 17.95
CA SER B 687 -8.59 36.21 17.33
C SER B 687 -8.44 35.05 16.35
N ASN B 688 -9.39 34.13 16.34
CA ASN B 688 -9.46 33.02 15.41
C ASN B 688 -10.23 33.38 14.15
N ILE B 689 -10.49 34.66 13.94
CA ILE B 689 -11.43 35.10 12.94
C ILE B 689 -10.74 35.39 11.60
N ALA B 690 -9.53 34.91 11.42
CA ALA B 690 -8.85 34.92 10.13
C ALA B 690 -8.48 33.52 9.67
N PHE B 691 -8.24 32.59 10.59
CA PHE B 691 -8.07 31.19 10.20
C PHE B 691 -9.39 30.54 9.86
N TRP B 692 -10.49 31.04 10.43
CA TRP B 692 -11.81 30.57 10.08
C TRP B 692 -12.17 30.93 8.65
N LEU B 693 -11.77 32.12 8.21
CA LEU B 693 -12.02 32.54 6.84
C LEU B 693 -11.26 31.70 5.82
N MET B 694 -10.14 31.09 6.20
CA MET B 694 -9.49 30.16 5.30
C MET B 694 -10.21 28.81 5.30
N CYS B 695 -10.70 28.38 6.46
CA CYS B 695 -11.39 27.10 6.56
C CYS B 695 -12.75 27.13 5.88
N LYS B 696 -13.36 28.30 5.73
CA LYS B 696 -14.60 28.41 4.96
C LYS B 696 -14.36 28.31 3.46
N LEU B 697 -13.11 28.44 3.01
CA LEU B 697 -12.80 28.34 1.60
C LEU B 697 -12.30 26.95 1.22
N LEU B 698 -12.31 26.02 2.16
CA LEU B 698 -11.83 24.66 1.92
C LEU B 698 -12.99 23.70 1.82
N ASP B 699 -12.75 22.58 1.13
CA ASP B 699 -13.72 21.52 1.01
C ASP B 699 -13.63 20.66 2.27
N ALA B 700 -14.63 19.82 2.51
CA ALA B 700 -14.68 18.98 3.73
C ALA B 700 -13.51 17.99 3.78
N LYS B 701 -13.15 17.40 2.64
CA LYS B 701 -12.04 16.41 2.61
C LYS B 701 -10.73 17.12 3.00
N GLN B 702 -10.51 18.32 2.48
CA GLN B 702 -9.28 19.11 2.77
C GLN B 702 -9.23 19.47 4.26
N LEU B 703 -10.35 19.86 4.85
CA LEU B 703 -10.42 20.25 6.28
C LEU B 703 -10.09 19.06 7.18
N SER B 704 -10.65 17.89 6.88
CA SER B 704 -10.45 16.68 7.70
C SER B 704 -9.00 16.17 7.68
N GLU B 705 -8.31 16.32 6.53
CA GLU B 705 -6.96 15.78 6.43
C GLU B 705 -5.92 16.77 6.92
N LEU B 706 -6.24 18.05 6.98
CA LEU B 706 -5.33 19.01 7.61
C LEU B 706 -5.44 18.95 9.12
N ARG B 707 -6.61 18.55 9.62
CA ARG B 707 -6.75 18.34 11.06
C ARG B 707 -5.99 17.12 11.53
N ASN B 708 -5.86 16.10 10.68
CA ASN B 708 -5.11 14.91 11.04
C ASN B 708 -3.61 15.19 11.07
N GLU B 709 -3.13 16.05 10.19
CA GLU B 709 -1.71 16.38 10.18
C GLU B 709 -1.37 17.39 11.25
N MET B 710 -2.36 18.19 11.67
CA MET B 710 -2.13 19.15 12.74
C MET B 710 -2.00 18.46 14.08
N ILE B 711 -2.60 17.29 14.26
CA ILE B 711 -2.47 16.60 15.54
C ILE B 711 -1.20 15.75 15.60
N LYS B 712 -0.64 15.38 14.45
CA LYS B 712 0.66 14.71 14.46
C LYS B 712 1.77 15.67 14.86
N PHE B 713 1.70 16.90 14.37
CA PHE B 713 2.72 17.89 14.68
C PHE B 713 2.57 18.42 16.09
N SER B 714 1.33 18.58 16.57
CA SER B 714 1.08 19.06 17.92
C SER B 714 1.53 18.08 18.99
N CYS B 715 1.62 16.79 18.66
CA CYS B 715 2.11 15.79 19.61
C CYS B 715 3.60 15.56 19.50
N SER B 716 4.34 16.54 19.00
CA SER B 716 5.79 16.51 18.97
C SER B 716 6.40 17.80 19.48
N LEU B 717 5.60 18.77 19.89
CA LEU B 717 6.14 20.02 20.40
C LEU B 717 6.41 19.92 21.89
N GLN B 718 7.27 20.79 22.40
CA GLN B 718 7.71 20.69 23.79
C GLN B 718 7.06 21.72 24.69
N SER B 719 6.84 22.93 24.21
CA SER B 719 6.34 24.01 25.05
C SER B 719 4.87 23.80 25.39
N THR B 720 4.48 24.21 26.61
CA THR B 720 3.13 23.95 27.09
C THR B 720 2.10 24.90 26.50
N GLU B 721 2.44 26.17 26.31
CA GLU B 721 1.73 26.96 25.33
C GLU B 721 2.38 26.70 23.98
N GLU B 722 1.73 27.17 22.90
CA GLU B 722 1.99 26.91 21.48
C GLU B 722 1.54 25.48 21.11
N ILE B 723 1.19 24.66 22.09
CA ILE B 723 0.27 23.55 21.86
C ILE B 723 -1.15 24.04 22.06
N SER B 724 -1.35 24.99 22.98
CA SER B 724 -2.64 25.65 23.13
C SER B 724 -2.96 26.52 21.92
N THR B 725 -1.96 26.93 21.16
CA THR B 725 -2.21 27.57 19.87
C THR B 725 -2.78 26.58 18.87
N PHE B 726 -2.23 25.36 18.81
CA PHE B 726 -2.73 24.39 17.85
C PHE B 726 -4.08 23.82 18.24
N THR B 727 -4.35 23.58 19.53
CA THR B 727 -5.65 23.03 19.90
C THR B 727 -6.76 24.08 19.85
N LYS B 728 -6.42 25.35 19.62
CA LYS B 728 -7.40 26.38 19.38
C LYS B 728 -7.69 26.51 17.89
N ALA B 729 -6.67 26.38 17.06
CA ALA B 729 -6.85 26.32 15.62
C ALA B 729 -7.47 25.02 15.17
N ARG B 730 -7.36 23.96 15.96
CA ARG B 730 -7.93 22.67 15.61
C ARG B 730 -9.41 22.63 15.90
N GLU B 731 -9.90 23.52 16.75
CA GLU B 731 -11.32 23.66 17.01
C GLU B 731 -12.00 24.55 15.98
N VAL B 732 -11.24 25.42 15.33
CA VAL B 732 -11.77 26.23 14.24
C VAL B 732 -12.06 25.35 13.03
N ILE B 733 -11.25 24.29 12.82
CA ILE B 733 -11.51 23.31 11.77
C ILE B 733 -12.83 22.60 12.00
N GLY B 734 -13.07 22.15 13.24
CA GLY B 734 -14.29 21.42 13.55
C GLY B 734 -15.54 22.27 13.54
N LEU B 735 -15.40 23.59 13.65
CA LEU B 735 -16.53 24.48 13.50
C LEU B 735 -16.84 24.77 12.04
N ALA B 736 -15.89 24.56 11.14
CA ALA B 736 -16.14 24.65 9.72
C ALA B 736 -16.58 23.32 9.10
N LEU B 737 -16.36 22.20 9.77
CA LEU B 737 -16.92 20.93 9.31
C LEU B 737 -18.37 20.74 9.71
N LEU B 738 -18.85 21.50 10.71
CA LEU B 738 -20.27 21.45 11.04
C LEU B 738 -21.14 22.07 9.96
N ASN B 739 -20.63 23.06 9.24
CA ASN B 739 -21.43 23.66 8.18
C ASN B 739 -21.32 22.84 6.91
N GLY B 740 -20.15 22.88 6.27
CA GLY B 740 -19.73 21.89 5.30
C GLY B 740 -20.47 21.88 3.97
N GLU B 741 -21.71 21.40 4.00
CA GLU B 741 -22.49 21.14 2.80
C GLU B 741 -23.94 21.58 3.01
N LYS B 742 -24.13 22.81 3.50
CA LYS B 742 -25.47 23.34 3.73
C LYS B 742 -26.25 23.48 2.42
N GLY B 743 -25.79 24.35 1.53
CA GLY B 743 -26.47 24.56 0.27
C GLY B 743 -27.76 25.36 0.40
N CYS B 744 -28.28 25.80 -0.73
CA CYS B 744 -29.47 26.65 -0.69
C CYS B 744 -30.72 25.76 -0.68
N ASN B 745 -31.82 26.33 -0.18
CA ASN B 745 -33.09 25.63 -0.22
C ASN B 745 -34.10 26.31 -1.14
N ASP B 746 -34.08 27.63 -1.23
CA ASP B 746 -34.94 28.33 -2.18
C ASP B 746 -34.40 28.11 -3.59
N TRP B 747 -35.31 27.84 -4.53
CA TRP B 747 -34.90 27.53 -5.89
C TRP B 747 -34.28 28.74 -6.59
N LYS B 748 -34.94 29.88 -6.53
CA LYS B 748 -34.62 31.03 -7.36
C LYS B 748 -33.46 31.87 -6.82
N GLU B 749 -32.69 31.35 -5.88
CA GLU B 749 -31.49 32.02 -5.41
C GLU B 749 -30.22 31.47 -6.05
N LEU B 750 -30.35 30.47 -6.91
CA LEU B 750 -29.24 29.93 -7.68
C LEU B 750 -29.43 30.09 -9.18
N PHE B 751 -30.65 30.38 -9.62
CA PHE B 751 -30.98 30.63 -11.02
C PHE B 751 -31.95 31.78 -11.06
N ASP B 752 -31.85 32.62 -12.10
CA ASP B 752 -32.72 33.78 -12.17
C ASP B 752 -34.03 33.51 -12.91
N ASP B 753 -34.06 32.49 -13.76
CA ASP B 753 -35.25 32.13 -14.52
C ASP B 753 -35.54 30.64 -14.38
N LYS B 754 -36.73 30.24 -14.84
CA LYS B 754 -37.00 28.83 -15.07
C LYS B 754 -36.28 28.32 -16.30
N GLU B 755 -35.93 29.21 -17.22
CA GLU B 755 -35.29 28.81 -18.46
C GLU B 755 -33.78 28.74 -18.31
N ALA B 756 -33.20 29.57 -17.45
CA ALA B 756 -31.77 29.46 -17.16
C ALA B 756 -31.46 28.19 -16.39
N TRP B 757 -32.37 27.76 -15.52
CA TRP B 757 -32.26 26.45 -14.89
C TRP B 757 -32.37 25.34 -15.94
N LYS B 758 -33.39 25.42 -16.79
CA LYS B 758 -33.65 24.39 -17.79
C LYS B 758 -32.58 24.36 -18.86
N LYS B 759 -31.92 25.48 -19.14
CA LYS B 759 -30.78 25.48 -20.05
C LYS B 759 -29.59 24.76 -19.42
N ASN B 760 -29.37 24.96 -18.13
CA ASN B 760 -28.19 24.42 -17.48
C ASN B 760 -28.34 22.94 -17.17
N MET B 761 -29.48 22.54 -16.63
CA MET B 761 -29.73 21.15 -16.26
C MET B 761 -29.82 20.23 -17.46
N SER B 762 -30.14 20.78 -18.63
CA SER B 762 -30.14 20.04 -19.88
C SER B 762 -28.76 19.94 -20.53
N LEU B 763 -27.68 20.15 -19.78
CA LEU B 763 -26.37 19.72 -20.22
C LEU B 763 -26.07 18.30 -19.77
N TYR B 764 -26.96 17.69 -19.00
CA TYR B 764 -26.68 16.42 -18.36
C TYR B 764 -27.81 15.44 -18.57
N VAL B 765 -28.99 15.93 -18.95
CA VAL B 765 -30.09 15.05 -19.32
C VAL B 765 -30.66 15.42 -20.69
N SER B 766 -30.60 16.72 -21.04
CA SER B 766 -30.78 17.30 -22.36
C SER B 766 -32.05 16.91 -23.10
N GLU B 767 -33.13 16.54 -22.40
CA GLU B 767 -34.27 15.95 -23.06
C GLU B 767 -35.57 16.57 -22.56
N GLU B 768 -36.68 15.92 -22.91
CA GLU B 768 -38.01 16.18 -22.38
C GLU B 768 -38.24 15.52 -21.02
N LEU B 769 -37.16 15.06 -20.39
CA LEU B 769 -37.20 14.38 -19.11
C LEU B 769 -37.13 15.33 -17.93
N LEU B 770 -37.02 16.64 -18.17
CA LEU B 770 -36.96 17.58 -17.06
C LEU B 770 -38.32 17.83 -16.43
N GLN B 771 -39.42 17.56 -17.14
CA GLN B 771 -40.76 17.69 -16.57
C GLN B 771 -41.21 16.38 -15.90
N SER B 772 -40.37 15.83 -15.04
CA SER B 772 -40.62 14.49 -14.50
C SER B 772 -40.64 14.58 -12.99
N LEU B 773 -40.75 13.41 -12.37
CA LEU B 773 -40.77 13.36 -10.90
C LEU B 773 -39.39 13.52 -10.26
N PRO B 774 -38.29 12.93 -10.75
CA PRO B 774 -37.00 13.24 -10.12
C PRO B 774 -36.45 14.62 -10.43
N TYR B 775 -36.98 15.36 -11.41
CA TYR B 775 -36.40 16.63 -11.81
C TYR B 775 -37.29 17.84 -11.52
N THR B 776 -38.60 17.65 -11.32
CA THR B 776 -39.44 18.68 -10.73
C THR B 776 -39.73 18.31 -9.29
N GLN B 777 -40.34 19.24 -8.56
CA GLN B 777 -40.47 19.10 -7.11
C GLN B 777 -41.39 17.94 -6.70
N GLU B 778 -42.70 18.10 -6.90
CA GLU B 778 -43.64 16.99 -6.95
C GLU B 778 -44.66 17.09 -8.06
N ASP B 779 -45.06 18.29 -8.46
CA ASP B 779 -46.19 18.52 -9.35
C ASP B 779 -45.94 19.80 -10.13
N GLY B 780 -46.55 19.89 -11.30
CA GLY B 780 -46.41 21.07 -12.12
C GLY B 780 -45.04 21.21 -12.73
N GLN B 781 -44.51 22.43 -12.75
CA GLN B 781 -43.25 22.73 -13.41
C GLN B 781 -42.33 23.53 -12.49
N THR B 782 -42.42 23.29 -11.19
CA THR B 782 -41.50 23.92 -10.26
C THR B 782 -40.23 23.11 -10.14
N PRO B 783 -39.05 23.70 -10.35
CA PRO B 783 -37.82 22.91 -10.37
C PRO B 783 -37.37 22.51 -8.97
N VAL B 784 -36.52 21.48 -8.95
CA VAL B 784 -35.82 21.07 -7.74
C VAL B 784 -34.33 21.17 -8.05
N ILE B 785 -33.53 21.47 -7.04
CA ILE B 785 -32.10 21.66 -7.26
C ILE B 785 -31.35 20.40 -6.87
N ASN B 786 -30.26 20.16 -7.58
CA ASN B 786 -29.46 18.95 -7.43
C ASN B 786 -28.25 19.28 -6.58
N ARG B 787 -27.95 18.42 -5.61
CA ARG B 787 -26.92 18.72 -4.63
C ARG B 787 -25.51 18.51 -5.15
N SER B 788 -25.34 17.94 -6.33
CA SER B 788 -24.03 17.83 -6.94
C SER B 788 -23.87 18.74 -8.14
N ILE B 789 -24.86 19.57 -8.42
CA ILE B 789 -24.78 20.48 -9.55
C ILE B 789 -24.40 21.89 -9.09
N ASP B 790 -24.57 22.21 -7.81
CA ASP B 790 -24.01 23.43 -7.23
C ASP B 790 -22.76 23.17 -6.41
N LEU B 791 -22.54 21.92 -6.01
CA LEU B 791 -21.24 21.50 -5.48
C LEU B 791 -20.14 21.69 -6.51
N VAL B 792 -20.49 21.55 -7.79
CA VAL B 792 -19.53 21.80 -8.84
C VAL B 792 -19.42 23.30 -9.12
N LYS B 793 -20.52 24.04 -9.00
CA LYS B 793 -20.46 25.49 -9.13
C LYS B 793 -19.73 26.17 -7.99
N LYS B 794 -19.73 25.58 -6.80
CA LYS B 794 -19.11 26.21 -5.64
C LYS B 794 -17.60 26.26 -5.81
N TYR B 795 -17.01 25.17 -6.25
CA TYR B 795 -15.59 25.05 -6.45
C TYR B 795 -15.27 25.43 -7.89
N GLY B 796 -14.12 24.99 -8.42
CA GLY B 796 -13.84 25.19 -9.82
C GLY B 796 -14.64 24.25 -10.68
N THR B 797 -14.02 23.51 -11.61
CA THR B 797 -14.52 22.28 -12.22
C THR B 797 -15.84 22.45 -12.99
N GLU B 798 -16.41 23.64 -13.08
CA GLU B 798 -17.72 23.79 -13.68
C GLU B 798 -17.60 24.01 -15.18
N THR B 799 -16.53 24.65 -15.62
CA THR B 799 -16.24 24.74 -17.04
C THR B 799 -15.49 23.52 -17.55
N ILE B 800 -15.02 22.65 -16.65
CA ILE B 800 -14.34 21.43 -17.07
C ILE B 800 -15.33 20.30 -17.26
N LEU B 801 -16.30 20.16 -16.36
CA LEU B 801 -17.27 19.09 -16.49
C LEU B 801 -18.33 19.39 -17.55
N GLU B 802 -18.54 20.65 -17.89
CA GLU B 802 -19.35 20.98 -19.05
C GLU B 802 -18.66 20.58 -20.34
N LYS B 803 -17.33 20.70 -20.39
CA LYS B 803 -16.59 20.27 -21.57
C LYS B 803 -16.60 18.75 -21.70
N LEU B 804 -16.71 18.04 -20.59
CA LEU B 804 -16.67 16.58 -20.61
C LEU B 804 -17.96 15.99 -21.15
N PHE B 805 -19.10 16.42 -20.60
CA PHE B 805 -20.39 15.87 -20.99
C PHE B 805 -20.87 16.36 -22.35
N SER B 806 -20.24 17.40 -22.90
CA SER B 806 -20.58 17.88 -24.23
C SER B 806 -19.84 17.14 -25.34
N SER B 807 -19.12 16.08 -25.01
CA SER B 807 -18.36 15.35 -26.02
C SER B 807 -19.23 14.33 -26.73
N SER B 808 -19.96 13.53 -25.97
CA SER B 808 -20.86 12.53 -26.54
C SER B 808 -22.23 12.63 -25.87
N ASP B 809 -23.26 12.24 -26.61
CA ASP B 809 -24.61 12.33 -26.10
C ASP B 809 -25.05 11.10 -25.32
N ASP B 810 -24.21 10.06 -25.29
CA ASP B 810 -24.48 8.90 -24.45
C ASP B 810 -24.08 9.12 -23.01
N TYR B 811 -23.32 10.18 -22.73
CA TYR B 811 -22.94 10.48 -21.36
C TYR B 811 -24.13 10.99 -20.56
N LYS B 812 -25.05 11.67 -21.23
CA LYS B 812 -26.18 12.31 -20.58
C LYS B 812 -27.23 11.28 -20.22
N VAL B 813 -28.23 11.71 -19.46
CA VAL B 813 -29.32 10.83 -19.06
C VAL B 813 -30.29 10.70 -20.22
N SER B 814 -30.55 9.48 -20.63
CA SER B 814 -31.46 9.20 -21.73
C SER B 814 -32.72 8.54 -21.20
N ALA B 815 -33.63 8.21 -22.11
CA ALA B 815 -34.94 7.71 -21.72
C ALA B 815 -34.90 6.27 -21.23
N LYS B 816 -33.87 5.51 -21.60
CA LYS B 816 -33.78 4.12 -21.13
C LYS B 816 -33.22 4.03 -19.72
N ASP B 817 -32.60 5.08 -19.20
CA ASP B 817 -32.01 5.05 -17.87
C ASP B 817 -33.07 5.14 -16.79
N ILE B 818 -34.08 5.99 -16.98
CA ILE B 818 -35.18 6.04 -16.04
C ILE B 818 -36.06 4.80 -16.19
N ALA B 819 -36.22 4.30 -17.42
CA ALA B 819 -36.97 3.09 -17.65
C ALA B 819 -36.29 1.84 -17.10
N LYS B 820 -34.99 1.99 -16.78
CA LYS B 820 -34.19 0.88 -16.21
C LYS B 820 -34.37 0.86 -14.68
N LEU B 821 -34.96 1.92 -14.13
CA LEU B 821 -35.21 2.02 -12.70
C LEU B 821 -36.57 1.49 -12.29
N HIS B 822 -37.35 1.03 -13.27
CA HIS B 822 -38.69 0.44 -13.01
C HIS B 822 -38.72 -1.03 -13.43
N GLU B 823 -37.63 -1.50 -14.04
CA GLU B 823 -37.51 -2.91 -14.51
C GLU B 823 -37.76 -3.87 -13.34
N TYR B 824 -36.94 -3.79 -12.29
CA TYR B 824 -37.12 -4.69 -11.12
C TYR B 824 -37.30 -3.87 -9.84
N ASP B 825 -37.53 -4.59 -8.73
CA ASP B 825 -37.77 -4.03 -7.37
C ASP B 825 -36.49 -3.44 -6.78
N VAL B 826 -35.34 -4.05 -7.06
CA VAL B 826 -33.95 -3.67 -6.61
C VAL B 826 -33.70 -4.09 -5.14
N THR B 827 -34.56 -3.71 -4.21
CA THR B 827 -34.39 -4.06 -2.77
C THR B 827 -34.40 -5.59 -2.64
N GLU B 828 -35.28 -6.25 -3.40
CA GLU B 828 -35.40 -7.73 -3.40
C GLU B 828 -34.08 -8.35 -3.87
N LYS B 829 -33.52 -7.84 -4.97
CA LYS B 829 -32.23 -8.35 -5.51
C LYS B 829 -31.19 -8.35 -4.39
N ILE B 830 -31.05 -7.22 -3.68
CA ILE B 830 -30.08 -7.08 -2.55
C ILE B 830 -30.44 -8.08 -1.44
N ALA B 831 -31.75 -8.30 -1.20
CA ALA B 831 -32.19 -9.26 -0.16
C ALA B 831 -31.75 -10.68 -0.55
N GLN B 832 -31.91 -11.03 -1.83
CA GLN B 832 -31.51 -12.37 -2.34
C GLN B 832 -29.99 -12.48 -2.30
N GLN B 833 -29.28 -11.49 -2.86
CA GLN B 833 -27.79 -11.50 -2.89
C GLN B 833 -27.26 -11.74 -1.48
N GLU B 834 -28.03 -11.34 -0.46
CA GLU B 834 -27.57 -11.53 0.91
C GLU B 834 -27.89 -12.95 1.40
N SER B 835 -29.08 -13.43 1.08
CA SER B 835 -29.47 -14.77 1.48
C SER B 835 -28.58 -15.83 0.84
N LEU B 836 -28.29 -15.67 -0.44
CA LEU B 836 -27.45 -16.62 -1.15
C LEU B 836 -26.03 -16.63 -0.61
N HIS B 837 -25.50 -15.45 -0.33
CA HIS B 837 -24.14 -15.34 0.20
C HIS B 837 -24.00 -16.00 1.56
N LYS B 838 -25.02 -15.82 2.40
CA LYS B 838 -25.00 -16.41 3.74
C LYS B 838 -24.97 -17.92 3.67
N GLN B 839 -25.73 -18.49 2.74
CA GLN B 839 -25.77 -19.93 2.56
C GLN B 839 -24.40 -20.48 2.17
N TRP B 840 -23.69 -19.75 1.32
CA TRP B 840 -22.40 -20.23 0.86
C TRP B 840 -21.45 -20.53 2.01
N ILE B 841 -21.57 -19.82 3.14
CA ILE B 841 -20.67 -20.06 4.26
C ILE B 841 -20.89 -21.43 4.87
N GLU B 842 -22.15 -21.84 5.07
CA GLU B 842 -22.40 -23.15 5.66
C GLU B 842 -22.16 -24.27 4.66
N LYS B 843 -22.39 -24.02 3.37
CA LYS B 843 -22.16 -25.09 2.35
C LYS B 843 -21.19 -24.57 1.29
N PRO B 844 -19.86 -24.55 1.53
CA PRO B 844 -18.91 -23.98 0.56
C PRO B 844 -18.84 -24.75 -0.75
N GLY B 845 -19.37 -25.97 -0.81
CA GLY B 845 -19.45 -26.72 -2.05
C GLY B 845 -20.48 -26.21 -3.04
N LEU B 846 -21.25 -25.17 -2.68
CA LEU B 846 -22.13 -24.51 -3.64
C LEU B 846 -21.35 -23.74 -4.69
N ALA B 847 -20.10 -23.40 -4.42
CA ALA B 847 -19.24 -22.73 -5.40
C ALA B 847 -18.94 -23.61 -6.59
N ARG B 848 -18.90 -24.93 -6.38
CA ARG B 848 -18.59 -25.90 -7.46
C ARG B 848 -19.88 -26.43 -8.10
N ASP B 849 -20.99 -25.71 -7.92
CA ASP B 849 -22.31 -26.08 -8.52
C ASP B 849 -22.60 -25.05 -9.62
N SER B 850 -22.17 -25.32 -10.85
CA SER B 850 -22.31 -24.41 -12.02
C SER B 850 -23.68 -23.72 -12.08
N ALA B 851 -24.78 -24.47 -11.96
CA ALA B 851 -26.14 -23.89 -12.02
C ALA B 851 -26.33 -22.83 -10.93
N TRP B 852 -25.82 -23.11 -9.72
CA TRP B 852 -25.97 -22.18 -8.57
C TRP B 852 -25.12 -20.92 -8.75
N THR B 853 -23.87 -21.06 -9.21
CA THR B 853 -22.97 -19.89 -9.40
C THR B 853 -23.43 -19.07 -10.60
N LYS B 854 -24.10 -19.69 -11.57
CA LYS B 854 -24.61 -18.97 -12.77
C LYS B 854 -25.77 -18.07 -12.34
N LYS B 855 -26.54 -18.50 -11.34
CA LYS B 855 -27.71 -17.71 -10.83
C LYS B 855 -27.17 -16.57 -9.97
N TYR B 856 -26.30 -16.89 -9.00
CA TYR B 856 -25.70 -15.88 -8.09
C TYR B 856 -25.11 -14.74 -8.92
N GLN B 857 -24.28 -15.07 -9.91
CA GLN B 857 -23.65 -14.05 -10.78
C GLN B 857 -24.72 -13.15 -11.41
N ASN B 858 -25.79 -13.76 -11.93
CA ASN B 858 -26.89 -12.99 -12.58
C ASN B 858 -27.50 -12.01 -11.58
N VAL B 859 -27.73 -12.45 -10.34
CA VAL B 859 -28.34 -11.58 -9.29
C VAL B 859 -27.36 -10.45 -8.92
N ILE B 860 -26.06 -10.72 -8.96
CA ILE B 860 -25.02 -9.72 -8.60
C ILE B 860 -24.89 -8.69 -9.72
N ASN B 861 -25.26 -9.05 -10.96
CA ASN B 861 -25.18 -8.11 -12.11
C ASN B 861 -26.37 -7.15 -12.07
N ASP B 862 -27.56 -7.66 -11.73
CA ASP B 862 -28.77 -6.87 -11.60
C ASP B 862 -28.65 -5.79 -10.54
N ILE B 863 -27.81 -6.00 -9.54
CA ILE B 863 -27.55 -4.95 -8.56
C ILE B 863 -26.64 -3.88 -9.16
N SER B 864 -25.55 -4.31 -9.80
CA SER B 864 -24.54 -3.37 -10.32
C SER B 864 -25.08 -2.54 -11.47
N ASN B 865 -25.96 -3.11 -12.28
CA ASN B 865 -26.57 -2.34 -13.37
C ASN B 865 -27.59 -1.35 -12.84
N TYR B 866 -28.28 -1.69 -11.76
CA TYR B 866 -29.30 -0.80 -11.20
C TYR B 866 -28.67 0.40 -10.52
N GLN B 867 -27.54 0.19 -9.85
CA GLN B 867 -26.92 1.27 -9.09
C GLN B 867 -26.15 2.24 -9.96
N TRP B 868 -25.63 1.79 -11.10
CA TRP B 868 -25.15 2.78 -12.06
C TRP B 868 -26.30 3.52 -12.70
N ALA B 869 -27.46 2.88 -12.86
CA ALA B 869 -28.64 3.59 -13.31
C ALA B 869 -29.20 4.50 -12.23
N LYS B 870 -29.13 4.08 -10.96
CA LYS B 870 -29.66 4.99 -9.90
C LYS B 870 -28.78 6.26 -9.82
N THR B 871 -27.46 6.10 -9.82
CA THR B 871 -26.51 7.23 -9.70
C THR B 871 -26.54 8.14 -10.94
N LYS B 872 -26.66 7.55 -12.14
CA LYS B 872 -26.67 8.34 -13.39
C LYS B 872 -27.89 9.27 -13.43
N VAL B 873 -29.05 8.75 -13.01
CA VAL B 873 -30.34 9.52 -13.02
C VAL B 873 -30.26 10.73 -12.08
N GLU B 874 -29.65 10.57 -10.89
CA GLU B 874 -29.60 11.67 -9.89
C GLU B 874 -28.37 12.56 -10.09
N LEU B 875 -27.57 12.29 -11.13
CA LEU B 875 -26.33 13.02 -11.50
C LEU B 875 -25.27 12.96 -10.40
N THR B 876 -25.25 11.86 -9.63
CA THR B 876 -24.24 11.67 -8.55
C THR B 876 -22.85 11.56 -9.20
N GLN B 877 -22.79 10.87 -10.33
CA GLN B 877 -21.53 10.63 -11.02
C GLN B 877 -20.85 11.93 -11.45
N VAL B 878 -21.56 13.06 -11.44
CA VAL B 878 -20.92 14.36 -11.62
C VAL B 878 -20.11 14.72 -10.39
N ARG B 879 -20.55 14.29 -9.20
CA ARG B 879 -19.80 14.58 -7.98
C ARG B 879 -18.54 13.72 -7.90
N HIS B 880 -18.62 12.49 -8.40
CA HIS B 880 -17.46 11.56 -8.39
C HIS B 880 -16.34 12.11 -9.28
N LEU B 881 -16.71 12.64 -10.45
CA LEU B 881 -15.73 13.22 -11.40
C LEU B 881 -15.07 14.46 -10.77
N HIS B 882 -15.86 15.28 -10.07
CA HIS B 882 -15.30 16.48 -9.41
C HIS B 882 -14.31 16.08 -8.31
N GLN B 883 -14.65 15.06 -7.51
CA GLN B 883 -13.75 14.60 -6.42
C GLN B 883 -12.47 14.03 -7.03
N LEU B 884 -12.59 13.24 -8.10
CA LEU B 884 -11.41 12.62 -8.77
C LEU B 884 -10.52 13.73 -9.33
N THR B 885 -11.12 14.76 -9.92
CA THR B 885 -10.37 15.89 -10.54
C THR B 885 -9.56 16.65 -9.47
N ILE B 886 -10.15 16.87 -8.28
CA ILE B 886 -9.46 17.63 -7.24
C ILE B 886 -8.24 16.85 -6.72
N ASP B 887 -8.36 15.53 -6.58
CA ASP B 887 -7.29 14.72 -6.01
C ASP B 887 -6.11 14.55 -6.96
N LEU B 888 -6.31 14.82 -8.26
CA LEU B 888 -5.19 14.77 -9.20
C LEU B 888 -4.43 16.09 -9.22
N LEU B 889 -5.14 17.22 -9.26
CA LEU B 889 -4.51 18.52 -9.31
C LEU B 889 -3.80 18.91 -8.03
N SER B 890 -4.25 18.39 -6.89
CA SER B 890 -3.61 18.70 -5.62
C SER B 890 -2.42 17.81 -5.35
N ARG B 891 -2.42 16.58 -5.87
CA ARG B 891 -1.23 15.75 -5.78
C ARG B 891 -0.17 16.22 -6.76
N LEU B 892 -0.59 16.72 -7.91
CA LEU B 892 0.32 17.44 -8.80
C LEU B 892 0.92 18.66 -8.13
N ALA B 893 0.12 19.39 -7.36
CA ALA B 893 0.60 20.58 -6.66
C ALA B 893 1.47 20.23 -5.48
N GLY B 894 1.38 19.02 -4.94
CA GLY B 894 2.26 18.62 -3.87
C GLY B 894 3.67 18.32 -4.34
N TYR B 895 3.83 17.94 -5.60
CA TYR B 895 5.16 17.73 -6.14
C TYR B 895 5.84 19.03 -6.50
N MET B 896 5.09 20.01 -7.00
CA MET B 896 5.68 21.27 -7.42
C MET B 896 6.08 22.15 -6.27
N SER B 897 5.60 21.87 -5.07
CA SER B 897 6.10 22.55 -3.89
C SER B 897 7.27 21.84 -3.24
N ILE B 898 7.59 20.62 -3.70
CA ILE B 898 8.86 20.01 -3.31
C ILE B 898 10.00 20.57 -4.15
N ALA B 899 9.74 20.81 -5.44
CA ALA B 899 10.71 21.49 -6.28
C ALA B 899 10.92 22.93 -5.85
N ASP B 900 9.90 23.55 -5.27
CA ASP B 900 10.02 24.91 -4.77
C ASP B 900 10.92 24.98 -3.54
N ARG B 901 10.95 23.91 -2.75
CA ARG B 901 11.83 23.86 -1.59
C ARG B 901 13.28 23.68 -2.00
N ASP B 902 13.49 22.81 -3.01
CA ASP B 902 14.84 22.46 -3.52
C ASP B 902 15.48 23.68 -4.18
N PHE B 903 14.69 24.63 -4.66
CA PHE B 903 15.24 25.84 -5.31
C PHE B 903 15.87 26.75 -4.26
N GLN B 904 15.35 26.71 -3.02
CA GLN B 904 15.87 27.57 -1.93
C GLN B 904 17.00 26.83 -1.20
N PHE B 905 17.14 25.53 -1.43
CA PHE B 905 18.20 24.73 -0.76
C PHE B 905 19.47 24.75 -1.62
N SER B 906 19.33 25.05 -2.90
CA SER B 906 20.49 25.09 -3.82
C SER B 906 20.87 26.55 -4.12
N SER B 907 19.89 27.45 -4.14
CA SER B 907 20.18 28.85 -4.46
C SER B 907 20.85 29.54 -3.29
N ASN B 908 20.37 29.32 -2.06
CA ASN B 908 20.95 30.01 -0.92
C ASN B 908 22.31 29.46 -0.52
N TYR B 909 22.68 28.27 -0.99
CA TYR B 909 24.03 27.78 -0.80
C TYR B 909 25.02 28.49 -1.73
N ILE B 910 24.55 28.90 -2.91
CA ILE B 910 25.40 29.64 -3.83
C ILE B 910 25.58 31.07 -3.33
N LEU B 911 24.51 31.67 -2.77
CA LEU B 911 24.60 33.01 -2.22
C LEU B 911 25.47 33.07 -0.98
N GLU B 912 25.58 31.95 -0.25
CA GLU B 912 26.42 31.92 0.95
C GLU B 912 27.90 31.91 0.57
N ARG B 913 28.25 31.40 -0.61
CA ARG B 913 29.62 31.43 -1.09
C ARG B 913 29.97 32.81 -1.66
N LYS B 959 20.40 44.59 -9.16
CA LYS B 959 20.72 43.17 -9.08
C LYS B 959 22.23 42.95 -9.07
N VAL B 960 22.85 43.12 -7.90
CA VAL B 960 24.29 42.93 -7.78
C VAL B 960 24.63 41.46 -7.56
N ASP B 961 24.02 40.85 -6.55
CA ASP B 961 24.26 39.44 -6.24
C ASP B 961 23.27 38.50 -6.92
N LEU B 962 22.16 39.02 -7.46
CA LEU B 962 21.21 38.18 -8.16
C LEU B 962 21.69 37.81 -9.56
N LYS B 963 22.65 38.55 -10.11
CA LYS B 963 23.18 38.22 -11.43
C LYS B 963 24.08 36.98 -11.37
N GLN B 964 24.92 36.90 -10.34
CA GLN B 964 25.82 35.76 -10.18
C GLN B 964 25.12 34.52 -9.64
N LEU B 965 23.88 34.64 -9.16
CA LEU B 965 23.14 33.49 -8.67
C LEU B 965 22.57 32.67 -9.82
N ARG B 966 21.84 33.33 -10.73
CA ARG B 966 21.12 32.60 -11.78
C ARG B 966 22.06 32.03 -12.84
N LEU B 967 23.20 32.70 -13.10
CA LEU B 967 24.13 32.23 -14.13
C LEU B 967 24.82 30.94 -13.73
N THR B 968 24.90 30.64 -12.43
CA THR B 968 25.31 29.31 -12.01
C THR B 968 24.24 28.28 -12.34
N LEU B 969 22.96 28.64 -12.15
CA LEU B 969 21.85 27.70 -12.28
C LEU B 969 21.61 27.25 -13.72
N GLU B 970 22.02 28.01 -14.72
CA GLU B 970 21.94 27.50 -16.08
C GLU B 970 23.16 26.67 -16.46
N TYR B 971 24.19 26.62 -15.60
CA TYR B 971 25.30 25.74 -15.90
C TYR B 971 25.06 24.34 -15.35
N LEU B 972 24.24 24.21 -14.32
CA LEU B 972 23.82 22.91 -13.83
C LEU B 972 22.60 22.37 -14.56
N GLU B 973 21.99 23.18 -15.44
CA GLU B 973 20.69 22.90 -16.08
C GLU B 973 19.60 22.64 -15.05
N LEU B 974 19.52 23.51 -14.04
CA LEU B 974 18.50 23.46 -13.01
C LEU B 974 17.24 24.17 -13.49
N PHE B 975 16.41 24.60 -12.53
CA PHE B 975 15.15 25.29 -12.71
C PHE B 975 15.24 26.45 -13.70
N ASP B 976 14.56 26.30 -14.83
CA ASP B 976 14.61 27.24 -15.93
C ASP B 976 13.47 28.25 -15.79
N ASN B 977 13.24 29.02 -16.84
CA ASN B 977 11.99 29.76 -16.98
C ASN B 977 10.94 28.97 -17.74
N ARG B 978 11.34 27.90 -18.43
CA ARG B 978 10.39 26.98 -19.02
C ARG B 978 9.89 25.95 -18.02
N LEU B 979 10.59 25.75 -16.91
CA LEU B 979 10.13 24.88 -15.83
C LEU B 979 9.39 25.66 -14.76
N LYS B 980 9.75 26.93 -14.54
CA LYS B 980 8.99 27.78 -13.64
C LYS B 980 7.63 28.13 -14.23
N GLU B 981 7.52 28.11 -15.56
CA GLU B 981 6.21 28.23 -16.19
C GLU B 981 5.36 27.00 -15.94
N LYS B 982 5.94 25.81 -16.10
CA LYS B 982 5.23 24.57 -15.86
C LYS B 982 4.96 24.32 -14.38
N ARG B 983 5.80 24.90 -13.52
CA ARG B 983 5.64 24.74 -12.05
C ARG B 983 4.60 25.72 -11.51
N ASN B 984 4.24 26.74 -12.30
CA ASN B 984 3.27 27.73 -11.85
C ASN B 984 1.85 27.29 -12.16
N ASN B 985 1.57 26.87 -13.39
CA ASN B 985 0.20 26.52 -13.75
C ASN B 985 -0.25 25.17 -13.20
N ILE B 986 0.67 24.37 -12.65
CA ILE B 986 0.25 23.23 -11.85
C ILE B 986 -0.11 23.66 -10.44
N SER B 987 0.79 24.38 -9.78
CA SER B 987 0.58 24.78 -8.39
C SER B 987 -0.51 25.83 -8.21
N HIS B 988 -0.91 26.53 -9.27
CA HIS B 988 -1.95 27.54 -9.16
C HIS B 988 -3.28 27.07 -9.72
N PHE B 989 -3.43 25.76 -9.97
CA PHE B 989 -4.68 25.12 -10.37
C PHE B 989 -5.24 25.70 -11.67
N ASN B 990 -4.37 25.97 -12.64
CA ASN B 990 -4.82 26.60 -13.87
C ASN B 990 -5.40 25.63 -14.88
N TYR B 991 -5.58 24.36 -14.53
CA TYR B 991 -6.35 23.50 -15.41
C TYR B 991 -7.82 23.84 -15.34
N LEU B 992 -8.27 24.41 -14.22
CA LEU B 992 -9.69 24.56 -13.95
C LEU B 992 -10.34 25.72 -14.67
N ASN B 993 -9.59 26.71 -15.14
CA ASN B 993 -10.19 27.95 -15.62
C ASN B 993 -10.56 27.89 -17.11
N GLY B 994 -11.26 26.82 -17.47
CA GLY B 994 -11.85 26.81 -18.80
C GLY B 994 -10.93 26.32 -19.88
N GLN B 995 -10.26 27.27 -20.53
CA GLN B 995 -9.40 27.02 -21.68
C GLN B 995 -8.28 26.06 -21.33
N LEU B 996 -8.18 24.98 -22.10
CA LEU B 996 -7.38 23.84 -21.65
C LEU B 996 -5.90 24.04 -21.92
N GLY B 997 -5.52 24.13 -23.19
CA GLY B 997 -4.11 24.16 -23.53
C GLY B 997 -3.49 22.77 -23.54
N ASN B 998 -3.41 22.14 -22.37
CA ASN B 998 -2.91 20.78 -22.26
C ASN B 998 -3.79 20.00 -21.30
N SER B 999 -3.82 18.67 -21.49
CA SER B 999 -4.73 17.78 -20.77
C SER B 999 -4.19 17.50 -19.37
N ILE B 1000 -4.85 16.57 -18.67
CA ILE B 1000 -4.38 16.16 -17.36
C ILE B 1000 -3.14 15.29 -17.49
N LEU B 1001 -3.16 14.34 -18.44
CA LEU B 1001 -1.99 13.48 -18.65
C LEU B 1001 -0.79 14.22 -19.21
N GLU B 1002 -1.00 15.40 -19.79
CA GLU B 1002 0.12 16.24 -20.18
C GLU B 1002 0.54 17.18 -19.06
N LEU B 1003 -0.13 17.16 -17.92
CA LEU B 1003 0.40 17.84 -16.74
C LEU B 1003 1.30 16.92 -15.94
N PHE B 1004 1.00 15.63 -15.89
CA PHE B 1004 1.91 14.67 -15.30
C PHE B 1004 3.15 14.45 -16.16
N ASP B 1005 3.10 14.75 -17.45
CA ASP B 1005 4.29 14.85 -18.27
C ASP B 1005 5.05 16.14 -18.02
N ASP B 1006 4.38 17.19 -17.57
CA ASP B 1006 5.06 18.41 -17.18
C ASP B 1006 5.69 18.27 -15.81
N ALA B 1007 5.09 17.47 -14.93
CA ALA B 1007 5.60 17.31 -13.58
C ALA B 1007 6.91 16.56 -13.55
N ARG B 1008 7.17 15.70 -14.52
CA ARG B 1008 8.43 14.98 -14.54
C ARG B 1008 9.43 15.55 -15.54
N ASP B 1009 9.17 16.73 -16.10
CA ASP B 1009 10.22 17.55 -16.67
C ASP B 1009 10.75 18.56 -15.66
N VAL B 1010 9.91 18.92 -14.69
CA VAL B 1010 10.36 19.79 -13.62
C VAL B 1010 11.17 19.00 -12.60
N LEU B 1011 10.72 17.78 -12.29
CA LEU B 1011 11.35 16.96 -11.26
C LEU B 1011 12.37 15.98 -11.82
N SER B 1012 12.83 16.17 -13.06
CA SER B 1012 13.88 15.32 -13.61
C SER B 1012 15.24 15.64 -13.02
N TYR B 1013 15.31 16.74 -12.27
CA TYR B 1013 16.27 17.13 -11.25
C TYR B 1013 16.83 15.95 -10.44
N ASP B 1014 15.97 15.00 -10.02
CA ASP B 1014 16.41 13.76 -9.41
C ASP B 1014 15.41 12.64 -9.68
N ARG B 1015 15.90 11.39 -9.72
CA ARG B 1015 15.06 10.29 -10.15
C ARG B 1015 14.14 9.76 -9.07
N LYS B 1016 14.41 10.07 -7.81
CA LYS B 1016 13.52 9.67 -6.74
C LYS B 1016 12.16 10.30 -6.91
N LEU B 1017 12.13 11.58 -7.25
CA LEU B 1017 10.89 12.31 -7.51
C LEU B 1017 10.39 12.15 -8.92
N LYS B 1018 11.27 11.91 -9.89
CA LYS B 1018 10.82 11.72 -11.25
C LYS B 1018 10.13 10.37 -11.42
N ASN B 1019 10.65 9.30 -10.79
CA ASN B 1019 10.01 8.00 -10.95
C ASN B 1019 8.68 7.89 -10.22
N ALA B 1020 8.46 8.69 -9.18
CA ALA B 1020 7.29 8.53 -8.34
C ALA B 1020 6.06 9.28 -8.85
N VAL B 1021 6.20 10.11 -9.88
CA VAL B 1021 5.06 10.88 -10.40
C VAL B 1021 4.07 9.95 -11.06
N SER B 1022 4.57 9.04 -11.89
CA SER B 1022 3.69 8.15 -12.62
C SER B 1022 3.20 6.99 -11.76
N LYS B 1023 3.83 6.76 -10.62
CA LYS B 1023 3.38 5.74 -9.68
C LYS B 1023 2.21 6.25 -8.87
N SER B 1024 2.10 7.57 -8.76
CA SER B 1024 1.06 8.22 -8.00
C SER B 1024 -0.22 8.42 -8.80
N LEU B 1025 -0.11 8.54 -10.12
CA LEU B 1025 -1.28 8.61 -10.98
C LEU B 1025 -2.04 7.29 -10.97
N LYS B 1026 -1.31 6.18 -10.97
CA LYS B 1026 -1.92 4.86 -10.97
C LYS B 1026 -2.54 4.54 -9.63
N GLU B 1027 -2.07 5.17 -8.55
CA GLU B 1027 -2.63 4.94 -7.23
C GLU B 1027 -3.85 5.81 -6.93
N ILE B 1028 -3.90 7.02 -7.49
CA ILE B 1028 -5.09 7.84 -7.32
C ILE B 1028 -6.27 7.22 -8.08
N LEU B 1029 -6.02 6.76 -9.30
CA LEU B 1029 -7.08 6.13 -10.08
C LEU B 1029 -7.49 4.78 -9.54
N SER B 1030 -6.58 4.05 -8.91
CA SER B 1030 -6.94 2.80 -8.29
C SER B 1030 -7.76 2.98 -7.02
N SER B 1031 -7.65 4.13 -6.37
CA SER B 1031 -8.48 4.42 -5.22
C SER B 1031 -9.93 4.64 -5.62
N HIS B 1032 -10.13 5.19 -6.81
CA HIS B 1032 -11.45 5.44 -7.35
C HIS B 1032 -11.99 4.26 -8.14
N GLY B 1033 -11.39 3.08 -8.01
CA GLY B 1033 -11.96 1.86 -8.52
C GLY B 1033 -11.62 1.47 -9.93
N MET B 1034 -10.50 1.94 -10.46
CA MET B 1034 -10.14 1.72 -11.85
C MET B 1034 -8.74 1.15 -11.95
N GLU B 1035 -8.30 0.86 -13.16
CA GLU B 1035 -6.92 0.52 -13.47
C GLU B 1035 -6.43 1.44 -14.57
N VAL B 1036 -5.15 1.33 -14.91
CA VAL B 1036 -4.56 2.06 -16.03
C VAL B 1036 -3.25 1.35 -16.37
N THR B 1037 -2.85 1.42 -17.63
CA THR B 1037 -1.81 0.50 -18.06
C THR B 1037 -0.61 1.18 -18.70
N PHE B 1038 -0.82 2.24 -19.51
CA PHE B 1038 0.25 3.07 -20.06
C PHE B 1038 1.23 2.38 -21.00
N LYS B 1039 0.92 2.37 -22.31
CA LYS B 1039 1.83 2.08 -23.42
C LYS B 1039 3.26 2.57 -23.20
N PRO B 1040 4.27 1.81 -23.63
CA PRO B 1040 5.65 2.04 -23.17
C PRO B 1040 6.25 3.38 -23.55
N LEU B 1041 7.19 3.83 -22.70
CA LEU B 1041 7.70 5.19 -22.74
C LEU B 1041 8.76 5.39 -23.80
N TYR B 1042 9.42 4.32 -24.25
CA TYR B 1042 10.39 4.46 -25.32
C TYR B 1042 9.73 4.44 -26.70
N GLN B 1043 8.43 4.12 -26.77
CA GLN B 1043 7.74 4.12 -28.04
C GLN B 1043 6.92 5.38 -28.25
N THR B 1044 6.44 6.01 -27.19
CA THR B 1044 5.54 7.16 -27.29
C THR B 1044 6.26 8.49 -27.07
N ASN B 1045 7.57 8.54 -27.39
CA ASN B 1045 8.41 9.74 -27.30
C ASN B 1045 8.45 10.30 -25.88
N HIS B 1046 8.42 9.40 -24.89
CA HIS B 1046 8.42 9.73 -23.46
C HIS B 1046 7.23 10.60 -23.07
N HIS B 1047 6.03 10.12 -23.36
CA HIS B 1047 4.79 10.74 -22.93
C HIS B 1047 3.90 9.68 -22.31
N LEU B 1048 2.95 10.12 -21.50
CA LEU B 1048 2.01 9.18 -20.88
C LEU B 1048 0.77 9.07 -21.74
N LYS B 1049 0.52 7.88 -22.27
CA LYS B 1049 -0.61 7.61 -23.14
C LYS B 1049 -1.26 6.32 -22.72
N ILE B 1050 -2.59 6.33 -22.60
CA ILE B 1050 -3.32 5.24 -21.96
C ILE B 1050 -3.36 4.02 -22.88
N ASP B 1051 -2.90 2.89 -22.33
CA ASP B 1051 -2.92 1.60 -23.07
C ASP B 1051 -4.24 0.89 -22.77
N LYS B 1052 -4.64 0.82 -21.51
CA LYS B 1052 -5.91 0.16 -21.13
C LYS B 1052 -6.47 0.78 -19.84
N LEU B 1053 -7.77 1.04 -19.79
CA LEU B 1053 -8.43 1.56 -18.56
C LEU B 1053 -9.61 0.62 -18.27
N GLN B 1054 -9.63 -0.02 -17.09
CA GLN B 1054 -10.70 -1.00 -16.78
C GLN B 1054 -11.16 -0.88 -15.33
N PRO B 1055 -12.44 -1.22 -15.02
CA PRO B 1055 -12.93 -1.17 -13.65
C PRO B 1055 -12.26 -2.27 -12.80
N LYS B 1056 -12.00 -1.95 -11.53
CA LYS B 1056 -11.39 -2.91 -10.58
C LYS B 1056 -12.41 -4.02 -10.29
N LYS B 1057 -11.95 -5.27 -10.14
CA LYS B 1057 -12.83 -6.39 -9.87
C LYS B 1057 -12.82 -6.75 -8.38
N ILE B 1058 -13.90 -7.43 -7.96
CA ILE B 1058 -14.18 -7.61 -6.55
C ILE B 1058 -14.04 -9.05 -6.08
N HIS B 1059 -14.29 -10.04 -6.95
CA HIS B 1059 -14.02 -11.47 -6.73
C HIS B 1059 -14.80 -12.01 -5.52
N HIS B 1060 -16.10 -12.10 -5.73
CA HIS B 1060 -17.02 -12.70 -4.76
C HIS B 1060 -16.74 -14.18 -4.62
N LEU B 1061 -17.17 -14.71 -3.46
CA LEU B 1061 -17.44 -16.13 -3.24
C LEU B 1061 -16.18 -16.99 -3.36
N GLY B 1062 -15.22 -16.71 -2.49
CA GLY B 1062 -14.05 -17.55 -2.34
C GLY B 1062 -12.81 -16.94 -2.94
N GLU B 1063 -11.81 -17.80 -3.16
CA GLU B 1063 -10.49 -17.37 -3.61
C GLU B 1063 -10.08 -17.92 -4.97
N LYS B 1064 -10.53 -19.13 -5.30
CA LYS B 1064 -10.23 -19.71 -6.64
C LYS B 1064 -11.56 -19.69 -7.40
N SER B 1065 -12.15 -18.49 -7.53
CA SER B 1065 -13.47 -18.40 -8.12
C SER B 1065 -13.46 -17.48 -9.33
N THR B 1066 -14.50 -17.60 -10.14
CA THR B 1066 -14.66 -16.77 -11.32
C THR B 1066 -15.84 -15.82 -11.24
N VAL B 1067 -16.69 -15.96 -10.22
CA VAL B 1067 -17.76 -15.00 -9.98
C VAL B 1067 -17.13 -13.69 -9.49
N SER B 1068 -17.40 -12.61 -10.21
CA SER B 1068 -16.82 -11.32 -9.87
C SER B 1068 -17.77 -10.22 -10.31
N SER B 1069 -17.41 -8.99 -10.00
CA SER B 1069 -18.18 -7.83 -10.41
C SER B 1069 -17.27 -6.63 -10.54
N ASN B 1070 -17.72 -5.66 -11.31
CA ASN B 1070 -16.94 -4.46 -11.51
C ASN B 1070 -17.15 -3.50 -10.35
N GLN B 1071 -16.07 -2.85 -9.92
CA GLN B 1071 -16.20 -1.95 -8.79
C GLN B 1071 -16.89 -0.65 -9.20
N VAL B 1072 -16.77 -0.23 -10.46
CA VAL B 1072 -17.62 0.89 -10.81
C VAL B 1072 -18.64 0.52 -11.88
N SER B 1073 -18.20 0.48 -13.15
CA SER B 1073 -19.01 0.17 -14.34
C SER B 1073 -18.09 0.36 -15.53
N ASN B 1074 -18.51 -0.19 -16.67
CA ASN B 1074 -17.79 0.08 -17.91
C ASN B 1074 -18.12 1.42 -18.52
N GLU B 1075 -19.27 1.99 -18.19
CA GLU B 1075 -19.67 3.28 -18.75
C GLU B 1075 -18.98 4.44 -18.06
N TYR B 1076 -18.56 4.25 -16.81
CA TYR B 1076 -17.86 5.31 -16.09
C TYR B 1076 -16.41 5.39 -16.52
N CYS B 1077 -15.80 4.24 -16.80
CA CYS B 1077 -14.38 4.18 -17.22
C CYS B 1077 -14.20 4.95 -18.54
N GLN B 1078 -15.16 4.81 -19.45
CA GLN B 1078 -15.10 5.54 -20.75
C GLN B 1078 -15.17 7.05 -20.45
N LEU B 1079 -16.03 7.43 -19.49
CA LEU B 1079 -16.22 8.83 -19.07
C LEU B 1079 -14.91 9.36 -18.48
N VAL B 1080 -14.24 8.53 -17.66
CA VAL B 1080 -12.96 8.92 -16.98
C VAL B 1080 -11.81 9.13 -17.98
N ARG B 1081 -11.62 8.26 -18.97
CA ARG B 1081 -10.48 8.43 -19.88
C ARG B 1081 -10.69 9.55 -20.88
N THR B 1082 -11.89 10.06 -21.03
CA THR B 1082 -12.13 11.26 -21.81
C THR B 1082 -11.96 12.52 -21.00
N LEU B 1083 -11.80 12.41 -19.69
CA LEU B 1083 -11.40 13.54 -18.86
C LEU B 1083 -9.88 13.66 -18.80
N LEU B 1084 -9.17 12.53 -18.82
CA LEU B 1084 -7.72 12.57 -18.79
C LEU B 1084 -7.15 13.07 -20.10
N THR B 1085 -7.72 12.64 -21.22
CA THR B 1085 -7.24 13.01 -22.54
C THR B 1085 -8.24 13.97 -23.15
N MET B 1086 -8.07 15.26 -22.85
CA MET B 1086 -9.08 16.25 -23.21
C MET B 1086 -8.42 17.63 -23.26
N LYS B 1087 -8.30 18.18 -24.46
CA LYS B 1087 -7.70 19.49 -24.63
C LYS B 1087 -8.73 20.50 -25.11
N MET C 1 -12.03 -31.49 -8.84
CA MET C 1 -10.94 -30.53 -9.00
C MET C 1 -11.47 -29.12 -9.13
N ILE C 2 -10.57 -28.14 -8.95
CA ILE C 2 -10.87 -26.75 -9.24
C ILE C 2 -9.88 -26.30 -10.29
N TYR C 3 -10.38 -26.00 -11.49
CA TYR C 3 -9.54 -25.65 -12.61
C TYR C 3 -9.38 -24.14 -12.64
N TYR C 4 -8.27 -23.66 -12.07
CA TYR C 4 -8.03 -22.24 -11.93
C TYR C 4 -6.54 -22.03 -11.90
N ILE C 5 -5.94 -21.64 -13.02
CA ILE C 5 -4.52 -21.32 -13.11
C ILE C 5 -4.48 -19.93 -13.73
N LYS C 6 -3.41 -19.20 -13.43
CA LYS C 6 -3.23 -17.83 -13.96
C LYS C 6 -2.68 -17.92 -15.39
N ASP C 7 -2.75 -16.84 -16.17
CA ASP C 7 -2.23 -16.92 -17.55
C ASP C 7 -0.75 -17.30 -17.48
N LEU C 8 -0.35 -18.30 -18.26
CA LEU C 8 1.05 -18.79 -18.23
C LEU C 8 1.66 -18.70 -19.63
N LYS C 9 2.85 -18.12 -19.74
CA LYS C 9 3.55 -18.09 -21.05
C LYS C 9 4.49 -19.29 -21.03
N VAL C 10 4.20 -20.31 -21.84
CA VAL C 10 5.04 -21.54 -21.82
C VAL C 10 5.80 -21.67 -23.14
N LYS C 11 7.13 -21.72 -23.05
CA LYS C 11 8.00 -21.92 -24.25
C LYS C 11 7.50 -21.12 -25.46
N GLY C 12 7.15 -19.85 -25.26
CA GLY C 12 6.73 -18.95 -26.35
C GLY C 12 5.24 -18.96 -26.66
N LYS C 13 4.46 -19.90 -26.09
CA LYS C 13 3.03 -19.86 -26.35
C LYS C 13 2.28 -19.46 -25.11
N ILE C 14 1.34 -18.52 -25.26
CA ILE C 14 0.56 -18.01 -24.10
C ILE C 14 -0.75 -18.78 -23.97
N PHE C 15 -1.01 -19.32 -22.77
CA PHE C 15 -2.27 -20.03 -22.48
C PHE C 15 -3.09 -19.10 -21.58
N GLU C 16 -4.32 -18.78 -21.98
CA GLU C 16 -5.15 -17.82 -21.21
C GLU C 16 -6.52 -18.43 -20.91
N ASN C 17 -7.25 -17.84 -19.96
CA ASN C 17 -8.60 -18.31 -19.56
C ASN C 17 -8.54 -19.77 -19.12
N LEU C 18 -7.52 -20.14 -18.34
CA LEU C 18 -7.39 -21.54 -17.85
C LEU C 18 -8.28 -21.70 -16.62
N MET C 19 -9.60 -21.53 -16.78
CA MET C 19 -10.55 -21.69 -15.65
C MET C 19 -11.58 -22.76 -15.97
N ASN C 20 -11.28 -23.68 -16.89
CA ASN C 20 -12.22 -24.78 -17.23
C ASN C 20 -11.45 -26.10 -17.33
N LYS C 21 -12.18 -27.21 -17.42
CA LYS C 21 -11.54 -28.56 -17.48
C LYS C 21 -10.94 -28.80 -18.87
N GLU C 22 -11.42 -28.09 -19.89
CA GLU C 22 -10.90 -28.29 -21.23
C GLU C 22 -9.65 -27.48 -21.51
N ALA C 23 -9.50 -26.31 -20.89
CA ALA C 23 -8.31 -25.50 -21.12
C ALA C 23 -7.15 -25.91 -20.22
N VAL C 24 -7.42 -26.55 -19.09
CA VAL C 24 -6.34 -27.09 -18.28
C VAL C 24 -5.77 -28.34 -18.91
N GLU C 25 -6.63 -29.22 -19.43
CA GLU C 25 -6.16 -30.47 -20.02
C GLU C 25 -5.51 -30.24 -21.38
N GLY C 26 -5.80 -29.13 -22.02
CA GLY C 26 -5.06 -28.74 -23.21
C GLY C 26 -3.68 -28.23 -22.86
N LEU C 27 -3.47 -27.80 -21.62
CA LEU C 27 -2.14 -27.32 -21.22
C LEU C 27 -1.27 -28.46 -20.74
N ILE C 28 -1.85 -29.48 -20.09
CA ILE C 28 -1.04 -30.59 -19.58
C ILE C 28 -0.54 -31.45 -20.73
N THR C 29 -1.39 -31.68 -21.74
CA THR C 29 -0.94 -32.44 -22.90
C THR C 29 0.05 -31.67 -23.77
N PHE C 30 0.07 -30.34 -23.67
CA PHE C 30 1.12 -29.58 -24.32
C PHE C 30 2.45 -29.77 -23.61
N LEU C 31 2.42 -29.95 -22.28
CA LEU C 31 3.66 -30.07 -21.51
C LEU C 31 4.36 -31.40 -21.73
N LYS C 32 3.61 -32.46 -22.00
CA LYS C 32 4.23 -33.76 -22.22
C LYS C 32 4.70 -33.96 -23.65
N LYS C 33 4.10 -33.27 -24.60
CA LYS C 33 4.61 -33.28 -25.97
C LYS C 33 5.71 -32.26 -26.19
N ALA C 34 5.95 -31.39 -25.21
CA ALA C 34 7.00 -30.38 -25.35
C ALA C 34 8.36 -31.04 -25.24
N GLU C 35 9.19 -30.82 -26.25
CA GLU C 35 10.53 -31.37 -26.30
C GLU C 35 11.48 -30.55 -25.46
N PHE C 36 12.61 -31.16 -25.13
CA PHE C 36 13.57 -30.59 -24.20
C PHE C 36 14.89 -31.33 -24.36
N GLU C 37 15.94 -30.73 -23.81
CA GLU C 37 17.21 -31.39 -23.59
C GLU C 37 17.74 -30.82 -22.29
N ILE C 38 18.45 -31.63 -21.51
CA ILE C 38 18.93 -31.18 -20.22
C ILE C 38 20.45 -31.07 -20.27
N TYR C 39 20.96 -29.96 -19.71
CA TYR C 39 22.32 -29.48 -19.95
C TYR C 39 23.34 -29.92 -18.92
N SER C 40 22.92 -30.34 -17.74
CA SER C 40 23.84 -30.44 -16.62
C SER C 40 24.72 -31.67 -16.75
N ARG C 41 25.93 -31.58 -16.20
CA ARG C 41 26.87 -32.69 -16.21
C ARG C 41 26.77 -33.54 -14.95
N GLU C 42 26.51 -32.93 -13.80
CA GLU C 42 26.33 -33.70 -12.58
C GLU C 42 25.01 -34.47 -12.59
N ASN C 43 23.98 -33.88 -13.18
CA ASN C 43 22.63 -34.44 -13.10
C ASN C 43 22.11 -34.86 -14.47
N TYR C 44 22.96 -35.43 -15.32
CA TYR C 44 22.47 -35.93 -16.60
C TYR C 44 21.70 -37.23 -16.41
N SER C 45 22.24 -38.13 -15.60
CA SER C 45 21.58 -39.40 -15.33
C SER C 45 20.40 -39.28 -14.38
N LYS C 46 20.26 -38.14 -13.71
CA LYS C 46 19.15 -37.97 -12.77
C LYS C 46 17.97 -37.23 -13.40
N TYR C 47 18.24 -36.08 -14.03
CA TYR C 47 17.15 -35.26 -14.55
C TYR C 47 16.51 -35.88 -15.78
N ASN C 48 17.30 -36.50 -16.64
CA ASN C 48 16.75 -37.19 -17.80
C ASN C 48 16.02 -38.46 -17.42
N LYS C 49 16.34 -39.03 -16.25
CA LYS C 49 15.59 -40.16 -15.73
C LYS C 49 14.25 -39.72 -15.16
N TRP C 50 14.19 -38.50 -14.63
CA TRP C 50 12.94 -38.01 -14.06
C TRP C 50 11.90 -37.75 -15.13
N PHE C 51 12.33 -37.20 -16.28
CA PHE C 51 11.43 -37.01 -17.41
C PHE C 51 11.28 -38.26 -18.26
N GLU C 52 11.17 -39.41 -17.65
CA GLU C 52 10.91 -40.65 -18.36
C GLU C 52 9.85 -41.49 -17.66
N MET C 53 9.93 -41.51 -16.32
CA MET C 53 8.89 -42.15 -15.48
C MET C 53 7.62 -41.31 -15.61
N TRP C 54 7.80 -39.98 -15.56
CA TRP C 54 6.69 -39.00 -15.66
C TRP C 54 6.01 -39.11 -17.02
N LYS C 55 6.81 -39.19 -18.09
CA LYS C 55 6.28 -39.31 -19.47
C LYS C 55 5.54 -40.64 -19.61
N SER C 56 6.05 -41.69 -18.96
CA SER C 56 5.42 -43.04 -19.02
C SER C 56 3.99 -42.97 -18.45
N PRO C 57 3.01 -43.66 -19.06
CA PRO C 57 1.62 -43.62 -18.60
C PRO C 57 1.35 -44.15 -17.19
N THR C 58 2.00 -45.26 -16.80
CA THR C 58 1.77 -45.85 -15.46
C THR C 58 2.68 -45.19 -14.42
N SER C 59 2.44 -43.90 -14.14
CA SER C 59 3.24 -43.15 -13.13
C SER C 59 2.34 -42.21 -12.34
N SER C 60 2.67 -41.99 -11.06
CA SER C 60 1.89 -41.09 -10.16
C SER C 60 2.78 -39.92 -9.75
N LEU C 61 2.28 -38.68 -9.83
CA LEU C 61 3.09 -37.52 -9.49
C LEU C 61 2.69 -37.01 -8.11
N VAL C 62 3.68 -36.66 -7.30
CA VAL C 62 3.49 -36.16 -5.94
C VAL C 62 4.09 -34.77 -5.86
N PHE C 63 3.34 -33.81 -5.31
CA PHE C 63 3.76 -32.42 -5.35
C PHE C 63 4.62 -32.00 -4.16
N TRP C 64 4.23 -32.33 -2.92
CA TRP C 64 4.97 -32.01 -1.69
C TRP C 64 5.23 -30.51 -1.57
N LYS C 65 4.20 -29.71 -1.33
CA LYS C 65 4.17 -28.27 -1.59
C LYS C 65 5.36 -27.45 -1.12
N ASN C 66 5.61 -27.34 0.18
CA ASN C 66 6.60 -26.36 0.63
C ASN C 66 7.75 -27.01 1.37
N TYR C 67 8.33 -28.05 0.75
CA TYR C 67 9.34 -28.99 1.25
C TYR C 67 10.47 -28.36 2.07
N SER C 68 10.96 -27.22 1.60
CA SER C 68 12.12 -26.56 2.17
C SER C 68 11.75 -25.08 2.24
N PHE C 69 12.73 -24.19 2.39
CA PHE C 69 12.41 -22.77 2.53
C PHE C 69 11.73 -22.18 1.30
N ARG C 70 12.42 -22.09 0.18
CA ARG C 70 11.74 -21.71 -1.06
C ARG C 70 12.04 -22.79 -2.09
N CYS C 71 11.29 -23.89 -1.98
CA CYS C 71 11.60 -25.06 -2.79
C CYS C 71 10.40 -25.99 -2.76
N HIS C 72 9.85 -26.29 -3.93
CA HIS C 72 8.87 -27.35 -4.05
C HIS C 72 9.54 -28.58 -4.67
N LEU C 73 9.04 -29.77 -4.34
CA LEU C 73 9.68 -31.03 -4.74
C LEU C 73 8.72 -31.99 -5.42
N LEU C 74 8.77 -32.04 -6.75
CA LEU C 74 7.91 -32.94 -7.52
C LEU C 74 8.46 -34.36 -7.49
N PHE C 75 7.67 -35.32 -7.02
CA PHE C 75 8.09 -36.71 -6.95
C PHE C 75 7.29 -37.54 -7.94
N VAL C 76 7.95 -38.46 -8.65
CA VAL C 76 7.29 -39.42 -9.52
C VAL C 76 7.44 -40.80 -8.91
N ILE C 77 6.32 -41.46 -8.65
CA ILE C 77 6.32 -42.81 -8.10
C ILE C 77 5.94 -43.78 -9.21
N GLU C 78 6.82 -44.74 -9.48
CA GLU C 78 6.62 -45.73 -10.52
C GLU C 78 5.71 -46.83 -9.95
N LYS C 79 5.24 -47.74 -10.81
CA LYS C 79 4.27 -48.76 -10.41
C LYS C 79 4.87 -49.74 -9.42
N ASP C 80 6.16 -50.02 -9.51
CA ASP C 80 6.86 -50.88 -8.56
C ASP C 80 7.96 -50.08 -7.88
N GLY C 81 7.60 -49.35 -6.84
CA GLY C 81 8.56 -48.53 -6.12
C GLY C 81 9.07 -47.38 -6.96
N GLU C 82 10.39 -47.13 -6.86
CA GLU C 82 11.14 -46.21 -7.71
C GLU C 82 10.63 -44.78 -7.63
N CYS C 83 10.79 -44.16 -6.47
CA CYS C 83 10.42 -42.77 -6.29
C CYS C 83 11.64 -41.88 -6.47
N LEU C 84 11.63 -41.05 -7.52
CA LEU C 84 12.61 -40.02 -7.75
C LEU C 84 11.97 -38.65 -7.62
N GLY C 85 12.79 -37.63 -7.43
CA GLY C 85 12.30 -36.27 -7.27
C GLY C 85 13.27 -35.21 -7.72
N ILE C 86 12.76 -34.14 -8.31
CA ILE C 86 13.56 -32.99 -8.69
C ILE C 86 12.96 -31.76 -8.02
N PRO C 87 13.72 -30.67 -7.90
CA PRO C 87 13.10 -29.40 -7.51
C PRO C 87 12.16 -28.89 -8.60
N ALA C 88 11.13 -28.18 -8.19
CA ALA C 88 10.17 -27.64 -9.14
C ALA C 88 10.71 -26.46 -9.92
N SER C 89 11.79 -25.84 -9.48
CA SER C 89 12.47 -24.83 -10.29
C SER C 89 13.21 -25.44 -11.47
N VAL C 90 13.70 -26.67 -11.33
CA VAL C 90 14.28 -27.39 -12.46
C VAL C 90 13.21 -27.72 -13.48
N PHE C 91 12.01 -28.10 -13.01
CA PHE C 91 10.90 -28.41 -13.90
C PHE C 91 10.45 -27.18 -14.69
N GLU C 92 10.42 -26.02 -14.06
CA GLU C 92 10.02 -24.78 -14.73
C GLU C 92 11.08 -24.29 -15.69
N SER C 93 12.35 -24.51 -15.39
CA SER C 93 13.42 -24.03 -16.25
C SER C 93 13.61 -24.91 -17.47
N VAL C 94 13.39 -26.22 -17.35
CA VAL C 94 13.50 -27.11 -18.50
C VAL C 94 12.35 -26.86 -19.47
N LEU C 95 11.14 -26.64 -18.95
CA LEU C 95 9.98 -26.43 -19.80
C LEU C 95 9.65 -24.96 -20.03
N GLN C 96 10.45 -24.04 -19.50
CA GLN C 96 10.38 -22.59 -19.77
C GLN C 96 9.01 -22.00 -19.42
N ILE C 97 8.58 -22.26 -18.20
CA ILE C 97 7.26 -21.85 -17.72
C ILE C 97 7.40 -20.51 -17.01
N TYR C 98 6.59 -19.54 -17.42
CA TYR C 98 6.61 -18.19 -16.85
C TYR C 98 5.18 -17.79 -16.54
N LEU C 99 5.00 -16.55 -16.12
CA LEU C 99 3.69 -15.92 -16.06
C LEU C 99 3.55 -15.01 -17.26
N ALA C 100 2.33 -14.91 -17.80
CA ALA C 100 2.13 -14.13 -19.01
C ALA C 100 2.12 -12.64 -18.71
N ASP C 101 1.50 -12.25 -17.60
CA ASP C 101 1.53 -10.86 -17.14
C ASP C 101 1.91 -10.83 -15.67
N PRO C 102 3.18 -10.61 -15.36
CA PRO C 102 3.63 -10.65 -13.96
C PRO C 102 3.38 -9.38 -13.20
N PHE C 103 2.87 -8.34 -13.84
CA PHE C 103 2.73 -7.04 -13.21
C PHE C 103 1.28 -6.63 -13.02
N ALA C 104 0.35 -7.55 -13.22
CA ALA C 104 -1.05 -7.27 -12.97
C ALA C 104 -1.28 -7.18 -11.46
N PRO C 105 -2.22 -6.33 -11.01
CA PRO C 105 -2.40 -6.13 -9.57
C PRO C 105 -2.97 -7.32 -8.82
N ASP C 106 -3.53 -8.31 -9.52
CA ASP C 106 -4.16 -9.45 -8.88
C ASP C 106 -3.29 -10.70 -8.97
N THR C 107 -1.97 -10.54 -9.09
CA THR C 107 -1.04 -11.65 -9.22
C THR C 107 -0.05 -11.63 -8.08
N LYS C 108 0.55 -12.78 -7.84
CA LYS C 108 1.70 -12.92 -6.97
C LYS C 108 2.85 -13.51 -7.79
N GLU C 109 3.94 -13.86 -7.14
CA GLU C 109 5.11 -14.39 -7.83
C GLU C 109 4.88 -15.83 -8.27
N LEU C 110 5.84 -16.35 -9.06
CA LEU C 110 5.77 -17.76 -9.47
C LEU C 110 5.94 -18.73 -8.33
N PHE C 111 6.51 -18.33 -7.19
CA PHE C 111 6.58 -19.29 -6.10
C PHE C 111 5.20 -19.51 -5.45
N VAL C 112 4.27 -18.59 -5.69
CA VAL C 112 2.93 -18.68 -5.14
C VAL C 112 1.93 -19.10 -6.22
N GLU C 113 2.10 -18.60 -7.44
CA GLU C 113 1.11 -18.82 -8.48
C GLU C 113 1.21 -20.19 -9.13
N VAL C 114 2.38 -20.85 -9.06
CA VAL C 114 2.55 -22.11 -9.76
C VAL C 114 1.92 -23.27 -9.01
N CYS C 115 1.49 -23.04 -7.78
CA CYS C 115 0.87 -24.10 -7.00
C CYS C 115 -0.48 -24.50 -7.57
N ASN C 116 -1.11 -23.63 -8.34
CA ASN C 116 -2.35 -23.97 -9.02
C ASN C 116 -2.09 -24.92 -10.18
N LEU C 117 -1.00 -24.71 -10.92
CA LEU C 117 -0.61 -25.62 -11.98
C LEU C 117 -0.23 -26.99 -11.43
N TYR C 118 0.51 -27.01 -10.33
CA TYR C 118 1.04 -28.26 -9.81
C TYR C 118 -0.01 -29.10 -9.09
N GLU C 119 -1.11 -28.51 -8.63
CA GLU C 119 -2.22 -29.28 -8.10
C GLU C 119 -3.18 -29.73 -9.17
N CYS C 120 -2.96 -29.36 -10.43
CA CYS C 120 -3.64 -29.99 -11.55
C CYS C 120 -2.77 -31.03 -12.24
N LEU C 121 -1.45 -30.95 -12.07
CA LEU C 121 -0.55 -31.93 -12.65
C LEU C 121 -0.45 -33.17 -11.78
N ALA C 122 -0.39 -33.00 -10.47
CA ALA C 122 -0.07 -34.09 -9.57
C ALA C 122 -1.34 -34.83 -9.15
N ASP C 123 -1.16 -35.97 -8.50
CA ASP C 123 -2.25 -36.71 -7.88
C ASP C 123 -2.33 -36.48 -6.38
N VAL C 124 -1.18 -36.38 -5.71
CA VAL C 124 -1.10 -36.26 -4.26
C VAL C 124 -0.28 -35.01 -3.97
N THR C 125 -0.73 -34.20 -3.01
CA THR C 125 0.12 -33.15 -2.48
C THR C 125 0.39 -33.41 -0.99
N VAL C 126 1.56 -32.97 -0.53
CA VAL C 126 1.99 -33.14 0.84
C VAL C 126 2.26 -31.76 1.40
N VAL C 127 1.77 -31.51 2.62
CA VAL C 127 1.96 -30.20 3.31
C VAL C 127 2.25 -30.44 4.79
N GLU C 128 3.52 -30.35 5.21
CA GLU C 128 3.90 -30.55 6.63
C GLU C 128 3.32 -29.39 7.45
N HIS C 129 2.88 -29.67 8.68
CA HIS C 129 2.26 -28.63 9.55
C HIS C 129 3.32 -27.95 10.42
N PHE C 130 4.38 -28.68 10.78
CA PHE C 130 5.50 -28.12 11.60
C PHE C 130 4.93 -27.43 12.85
N GLU C 131 4.29 -28.21 13.73
CA GLU C 131 3.71 -27.66 14.98
C GLU C 131 4.83 -27.30 15.95
N ALA C 132 5.15 -26.01 16.05
CA ALA C 132 6.19 -25.45 16.97
C ALA C 132 7.57 -26.06 16.70
N GLU C 133 8.24 -25.59 15.64
CA GLU C 133 9.61 -25.99 15.20
C GLU C 133 9.64 -27.42 14.61
N GLU C 134 9.34 -28.44 15.41
CA GLU C 134 9.34 -29.86 14.93
C GLU C 134 8.06 -30.16 14.14
N SER C 135 8.03 -31.30 13.45
CA SER C 135 6.87 -31.72 12.62
C SER C 135 5.71 -32.23 13.48
N ALA C 136 4.52 -32.34 12.88
CA ALA C 136 3.31 -32.84 13.57
C ALA C 136 2.71 -33.98 12.75
N TRP C 137 2.38 -33.70 11.48
CA TRP C 137 1.81 -34.72 10.56
C TRP C 137 2.18 -34.35 9.11
N HIS C 138 1.70 -35.11 8.12
CA HIS C 138 2.07 -34.82 6.71
C HIS C 138 0.87 -34.35 5.89
N LYS C 139 -0.34 -34.74 6.30
CA LYS C 139 -1.60 -34.31 5.61
C LYS C 139 -1.61 -34.66 4.12
N LEU C 140 -1.77 -35.95 3.79
CA LEU C 140 -1.89 -36.42 2.42
C LEU C 140 -3.26 -36.04 1.87
N THR C 141 -3.34 -35.93 0.54
CA THR C 141 -4.64 -35.72 -0.09
C THR C 141 -4.61 -36.29 -1.51
N HIS C 142 -5.80 -36.49 -2.05
CA HIS C 142 -5.98 -36.80 -3.45
C HIS C 142 -6.45 -35.53 -4.15
N ASN C 143 -6.13 -35.41 -5.43
CA ASN C 143 -6.52 -34.21 -6.16
C ASN C 143 -7.76 -34.38 -7.02
N GLU C 144 -8.04 -35.59 -7.52
CA GLU C 144 -9.28 -35.82 -8.24
C GLU C 144 -10.48 -35.71 -7.30
N THR C 145 -10.48 -36.48 -6.23
CA THR C 145 -11.38 -36.29 -5.10
C THR C 145 -10.71 -35.31 -4.14
N GLU C 146 -11.23 -35.23 -2.93
CA GLU C 146 -10.55 -34.44 -1.89
C GLU C 146 -10.40 -35.23 -0.60
N VAL C 147 -10.15 -36.54 -0.69
CA VAL C 147 -9.97 -37.36 0.51
C VAL C 147 -8.63 -37.03 1.13
N SER C 148 -8.67 -36.41 2.31
CA SER C 148 -7.43 -35.96 2.99
C SER C 148 -7.13 -36.78 4.25
N LYS C 149 -5.96 -37.43 4.29
CA LYS C 149 -5.52 -38.23 5.45
C LYS C 149 -4.59 -37.36 6.31
N ARG C 150 -3.82 -37.97 7.21
CA ARG C 150 -2.90 -37.20 8.08
C ARG C 150 -1.85 -38.14 8.69
N VAL C 151 -0.78 -38.42 7.95
CA VAL C 151 0.28 -39.34 8.44
C VAL C 151 0.85 -38.78 9.73
N TYR C 152 1.06 -39.61 10.77
CA TYR C 152 1.55 -39.05 12.05
C TYR C 152 3.03 -39.32 12.33
N SER C 153 3.50 -40.58 12.23
CA SER C 153 4.90 -40.89 12.61
C SER C 153 5.86 -41.06 11.43
N LYS C 154 5.33 -41.00 10.20
CA LYS C 154 6.13 -41.27 8.98
C LYS C 154 7.14 -40.16 8.68
N ASP C 155 8.37 -40.56 8.34
CA ASP C 155 9.49 -39.67 7.93
C ASP C 155 9.36 -39.38 6.43
N ASP C 156 10.19 -38.48 5.89
CA ASP C 156 10.07 -38.17 4.44
C ASP C 156 10.28 -39.45 3.62
N ASP C 157 11.30 -40.24 3.98
CA ASP C 157 11.56 -41.52 3.25
C ASP C 157 10.40 -42.49 3.48
N GLU C 158 9.90 -42.57 4.72
CA GLU C 158 8.78 -43.49 5.08
C GLU C 158 7.50 -43.09 4.36
N LEU C 159 7.22 -41.79 4.26
CA LEU C 159 5.97 -41.26 3.66
C LEU C 159 5.82 -41.67 2.20
N LEU C 160 6.90 -41.60 1.41
CA LEU C 160 6.81 -41.92 -0.04
C LEU C 160 6.33 -43.38 -0.22
N LYS C 161 6.86 -44.30 0.59
CA LYS C 161 6.46 -45.70 0.55
C LYS C 161 5.01 -45.91 0.95
N TYR C 162 4.37 -44.91 1.56
CA TYR C 162 2.98 -45.01 1.96
C TYR C 162 2.02 -44.47 0.91
N ILE C 163 2.49 -43.58 0.03
CA ILE C 163 1.61 -43.02 -1.01
C ILE C 163 1.09 -44.04 -2.00
N PRO C 164 1.87 -45.04 -2.46
CA PRO C 164 1.23 -46.14 -3.23
C PRO C 164 0.22 -46.94 -2.44
N GLU C 165 0.40 -47.10 -1.13
CA GLU C 165 -0.63 -47.72 -0.31
C GLU C 165 -1.81 -46.77 -0.08
N PHE C 166 -1.57 -45.47 -0.13
CA PHE C 166 -2.66 -44.51 -0.01
C PHE C 166 -3.50 -44.45 -1.27
N LEU C 167 -2.88 -44.66 -2.42
CA LEU C 167 -3.59 -44.63 -3.69
C LEU C 167 -4.40 -45.90 -3.93
N ASP C 168 -3.88 -47.03 -3.47
CA ASP C 168 -4.58 -48.29 -3.66
C ASP C 168 -5.91 -48.34 -2.93
N THR C 169 -5.93 -47.89 -1.67
CA THR C 169 -7.17 -47.94 -0.86
C THR C 169 -8.26 -47.06 -1.48
N ILE C 170 -7.89 -45.83 -1.91
CA ILE C 170 -8.89 -44.89 -2.48
C ILE C 170 -9.49 -45.45 -3.79
N ALA C 171 -8.64 -46.00 -4.66
CA ALA C 171 -9.10 -46.55 -5.96
C ALA C 171 -10.06 -47.72 -5.77
N THR C 172 -9.73 -48.65 -4.86
CA THR C 172 -10.56 -49.85 -4.63
C THR C 172 -11.96 -49.46 -4.12
N ASN C 173 -12.04 -48.49 -3.22
CA ASN C 173 -13.35 -48.05 -2.66
C ASN C 173 -14.23 -47.46 -3.77
N LYS C 174 -13.65 -46.65 -4.65
CA LYS C 174 -14.40 -46.00 -5.76
C LYS C 174 -14.98 -47.04 -6.73
N LYS C 175 -14.18 -48.07 -7.06
CA LYS C 175 -14.59 -49.09 -8.05
C LYS C 175 -15.90 -49.80 -7.71
N SER C 176 -16.15 -50.14 -6.44
CA SER C 176 -17.39 -50.93 -6.16
C SER C 176 -18.00 -50.65 -4.79
N GLN C 177 -19.17 -51.27 -4.56
CA GLN C 177 -20.00 -51.22 -3.31
C GLN C 177 -20.62 -49.86 -3.03
N LYS C 178 -20.34 -49.31 -1.84
CA LYS C 178 -20.97 -48.08 -1.31
C LYS C 178 -20.76 -46.88 -2.24
N TYR C 179 -19.59 -46.72 -2.85
CA TYR C 179 -19.36 -45.54 -3.72
C TYR C 179 -20.37 -45.56 -4.88
N ASN C 180 -20.60 -46.72 -5.48
CA ASN C 180 -21.54 -46.86 -6.62
C ASN C 180 -22.96 -46.49 -6.19
N GLN C 181 -23.39 -46.94 -5.01
CA GLN C 181 -24.76 -46.68 -4.49
C GLN C 181 -24.90 -45.24 -4.02
N ILE C 182 -23.91 -44.73 -3.27
CA ILE C 182 -23.93 -43.34 -2.74
C ILE C 182 -23.90 -42.33 -3.89
N GLN C 183 -23.05 -42.58 -4.90
CA GLN C 183 -22.91 -41.67 -6.06
C GLN C 183 -24.25 -41.57 -6.80
N GLY C 184 -24.94 -42.71 -6.95
CA GLY C 184 -26.23 -42.75 -7.68
C GLY C 184 -27.28 -41.87 -7.01
N LYS C 185 -27.35 -41.88 -5.68
CA LYS C 185 -28.36 -41.06 -4.96
C LYS C 185 -28.08 -39.58 -5.22
N ILE C 186 -26.81 -39.18 -5.20
CA ILE C 186 -26.43 -37.75 -5.44
C ILE C 186 -26.83 -37.33 -6.86
N GLN C 187 -26.59 -38.21 -7.84
CA GLN C 187 -26.92 -37.92 -9.27
C GLN C 187 -28.43 -37.71 -9.40
N GLU C 188 -29.23 -38.57 -8.75
CA GLU C 188 -30.72 -38.46 -8.82
C GLU C 188 -31.15 -37.12 -8.22
N ILE C 189 -30.54 -36.72 -7.11
CA ILE C 189 -30.89 -35.47 -6.44
C ILE C 189 -30.56 -34.28 -7.35
N ASN C 190 -29.40 -34.34 -8.00
CA ASN C 190 -29.00 -33.27 -8.89
C ASN C 190 -29.98 -33.12 -10.04
N LYS C 191 -30.43 -34.25 -10.60
CA LYS C 191 -31.38 -34.22 -11.70
C LYS C 191 -32.68 -33.57 -11.26
N GLU C 192 -33.14 -33.91 -10.06
CA GLU C 192 -34.38 -33.32 -9.56
C GLU C 192 -34.24 -31.81 -9.41
N ILE C 193 -33.10 -31.40 -8.84
CA ILE C 193 -32.81 -29.95 -8.64
C ILE C 193 -32.75 -29.28 -10.02
N ALA C 194 -32.00 -29.87 -10.95
CA ALA C 194 -31.86 -29.30 -12.32
C ALA C 194 -33.25 -29.11 -12.93
N THR C 195 -34.08 -30.15 -12.89
CA THR C 195 -35.45 -30.08 -13.46
C THR C 195 -36.24 -28.99 -12.72
N LEU C 196 -36.13 -28.95 -11.38
CA LEU C 196 -36.86 -27.95 -10.56
C LEU C 196 -36.54 -26.55 -11.08
N TYR C 197 -35.25 -26.25 -11.30
CA TYR C 197 -34.82 -24.92 -11.80
C TYR C 197 -35.48 -24.67 -13.17
N GLU C 198 -35.43 -25.66 -14.06
CA GLU C 198 -35.99 -25.50 -15.39
C GLU C 198 -37.45 -25.02 -15.38
N SER C 199 -38.27 -25.52 -14.45
CA SER C 199 -39.67 -25.06 -14.45
C SER C 199 -39.79 -23.54 -14.17
N SER C 200 -38.96 -23.12 -13.23
CA SER C 200 -38.76 -21.79 -12.69
C SER C 200 -37.29 -21.54 -12.35
N GLU C 201 -36.77 -20.42 -12.85
CA GLU C 201 -35.39 -20.01 -12.58
C GLU C 201 -35.26 -19.50 -11.14
N ASP C 202 -36.40 -19.24 -10.50
CA ASP C 202 -36.44 -18.67 -9.13
C ASP C 202 -36.51 -19.76 -8.05
N TYR C 203 -36.41 -21.04 -8.43
CA TYR C 203 -36.50 -22.17 -7.47
C TYR C 203 -35.35 -22.17 -6.45
N ILE C 204 -34.18 -21.63 -6.80
CA ILE C 204 -33.01 -21.62 -5.87
C ILE C 204 -33.35 -20.85 -4.58
N PHE C 205 -34.08 -19.74 -4.71
CA PHE C 205 -34.46 -18.89 -3.54
C PHE C 205 -35.35 -19.68 -2.57
N THR C 206 -36.24 -20.54 -3.08
CA THR C 206 -37.19 -21.30 -2.22
C THR C 206 -36.44 -22.23 -1.26
N GLU C 207 -36.99 -22.38 -0.05
CA GLU C 207 -36.41 -23.21 1.05
C GLU C 207 -36.38 -24.69 0.64
N TYR C 208 -37.39 -25.17 -0.09
CA TYR C 208 -37.46 -26.60 -0.47
C TYR C 208 -36.21 -26.96 -1.29
N VAL C 209 -35.79 -26.09 -2.20
CA VAL C 209 -34.57 -26.35 -3.02
C VAL C 209 -33.35 -26.27 -2.10
N SER C 210 -33.35 -25.29 -1.18
CA SER C 210 -32.22 -25.09 -0.23
C SER C 210 -32.06 -26.35 0.64
N ASN C 211 -33.18 -26.92 1.08
CA ASN C 211 -33.17 -28.15 1.92
C ASN C 211 -32.54 -29.30 1.11
N LEU C 212 -32.87 -29.38 -0.18
CA LEU C 212 -32.37 -30.46 -1.07
C LEU C 212 -30.83 -30.39 -1.16
N TYR C 213 -30.27 -29.18 -1.24
CA TYR C 213 -28.79 -29.02 -1.32
C TYR C 213 -28.16 -29.60 -0.05
N ARG C 214 -28.79 -29.34 1.11
CA ARG C 214 -28.27 -29.87 2.39
C ARG C 214 -28.20 -31.40 2.31
N GLU C 215 -29.21 -32.05 1.73
CA GLU C 215 -29.16 -33.51 1.60
C GLU C 215 -28.00 -33.94 0.69
N SER C 216 -27.80 -33.22 -0.41
CA SER C 216 -26.71 -33.58 -1.31
C SER C 216 -25.35 -33.45 -0.62
N ALA C 217 -25.19 -32.39 0.16
CA ALA C 217 -23.94 -32.16 0.87
C ALA C 217 -23.68 -33.29 1.84
N LYS C 218 -24.73 -33.72 2.55
CA LYS C 218 -24.57 -34.80 3.51
C LYS C 218 -24.14 -36.08 2.80
N LEU C 219 -24.75 -36.35 1.64
CA LEU C 219 -24.39 -37.54 0.91
C LEU C 219 -22.92 -37.50 0.48
N GLU C 220 -22.46 -36.34 0.02
CA GLU C 220 -21.06 -36.22 -0.41
C GLU C 220 -20.10 -36.46 0.76
N GLN C 221 -20.46 -35.90 1.92
CA GLN C 221 -19.61 -36.06 3.10
C GLN C 221 -19.53 -37.55 3.46
N HIS C 222 -20.68 -38.23 3.43
CA HIS C 222 -20.72 -39.67 3.75
C HIS C 222 -19.87 -40.45 2.73
N SER C 223 -19.90 -40.04 1.47
CA SER C 223 -19.16 -40.71 0.36
C SER C 223 -17.65 -40.69 0.59
N LYS C 224 -17.08 -39.58 1.09
CA LYS C 224 -15.60 -39.50 1.32
C LYS C 224 -15.16 -40.53 2.36
N GLN C 225 -15.98 -40.75 3.39
CA GLN C 225 -15.66 -41.71 4.49
C GLN C 225 -15.47 -43.12 3.92
N ILE C 226 -16.29 -43.52 2.94
CA ILE C 226 -16.16 -44.85 2.30
C ILE C 226 -14.76 -44.95 1.66
N LEU C 227 -14.33 -43.89 0.98
CA LEU C 227 -13.00 -43.87 0.31
C LEU C 227 -11.88 -43.99 1.36
N LYS C 228 -12.00 -43.28 2.49
CA LYS C 228 -10.94 -43.33 3.54
C LYS C 228 -10.80 -44.74 4.13
N GLU C 229 -11.93 -45.43 4.35
CA GLU C 229 -12.01 -46.80 4.92
C GLU C 229 -10.86 -47.66 4.37
#